data_7D19
#
_entry.id   7D19
#
_cell.length_a   81.139
_cell.length_b   81.139
_cell.length_c   141.780
_cell.angle_alpha   90.000
_cell.angle_beta   90.000
_cell.angle_gamma   120.000
#
_symmetry.space_group_name_H-M   'P 32'
#
loop_
_entity.id
_entity.type
_entity.pdbx_description
1 polymer Cryptochrome-1
2 non-polymer N-[2-(2,4-dimethylphenyl)-4,6-dihydrothieno[3,4-c]pyrazol-3-yl]-4-(phenylcarbonyl)benzamide
3 water water
#
_entity_poly.entity_id   1
_entity_poly.type   'polypeptide(L)'
_entity_poly.pdbx_seq_one_letter_code
;GTMGVNAVHWFRKGLRLHDNPALKECIQGADTIRCVYILDPWFAGSSNVGINRWRFLLQCLEDLDANLRKLNSRLFVIRG
QPADVFPRLFKEWNITKLSIEYDSEPFGKERDAAIKKLATEAGVEVIVRISHTLYDLDKIIELNGGQPPLTYKRFQTLVS
KMEPLEMPADTITSDVIGKCMTPLSDDHDEKYGVPSLEELGFDTDGLSSAVWPGGETEALTRLERHLERKAWVANFERPR
MNANSLLASPTGLSPYLRFGCLSCRLFYFKLTDLYKKVKKNSSPPLSLYGQLLWREFFYTAATNNPRFDKMEGNPICVQI
PWDKNPEALAKWAEGRTGFPWIDAIMTQLRQEGWIHHLARHAVACFLTRGDLWISWEEGMKVFEELLLDADWSINAGSWM
WLSCSSFFQQFFHCYCPVGFGRRTDPNGDYIRRYLPVLRGFPAKYIYDPWNAPEGIQKVAKCLIGVNYPKPMVNHAEASR
LNIERMKQIYQQLSRYRG
;
_entity_poly.pdbx_strand_id   A,B
#
loop_
_chem_comp.id
_chem_comp.type
_chem_comp.name
_chem_comp.formula
GOC non-polymer N-[2-(2,4-dimethylphenyl)-4,6-dihydrothieno[3,4-c]pyrazol-3-yl]-4-(phenylcarbonyl)benzamide 'C27 H23 N3 O2 S'
#
# COMPACT_ATOMS: atom_id res chain seq x y z
N GLY A 4 -33.42 -12.48 -21.60
CA GLY A 4 -33.75 -11.12 -21.97
C GLY A 4 -32.57 -10.38 -22.58
N VAL A 5 -32.68 -9.07 -22.70
CA VAL A 5 -31.60 -8.23 -23.22
C VAL A 5 -30.78 -7.71 -22.03
N ASN A 6 -29.61 -8.29 -21.81
CA ASN A 6 -28.76 -7.97 -20.67
C ASN A 6 -27.52 -7.24 -21.17
N ALA A 7 -27.38 -5.96 -20.77
CA ALA A 7 -26.35 -5.07 -21.29
C ALA A 7 -25.27 -4.80 -20.24
N VAL A 8 -24.04 -4.67 -20.71
CA VAL A 8 -22.92 -4.33 -19.86
C VAL A 8 -22.21 -3.15 -20.49
N HIS A 9 -21.94 -2.11 -19.69
CA HIS A 9 -21.09 -1.01 -20.13
C HIS A 9 -19.74 -1.09 -19.42
N TRP A 10 -18.65 -1.06 -20.19
CA TRP A 10 -17.30 -1.24 -19.67
C TRP A 10 -16.63 0.13 -19.60
N PHE A 11 -16.40 0.61 -18.37
CA PHE A 11 -15.70 1.86 -18.10
C PHE A 11 -14.19 1.61 -18.12
N ARG A 12 -13.45 2.43 -18.86
CA ARG A 12 -12.00 2.44 -18.76
C ARG A 12 -11.56 3.88 -18.58
N LYS A 13 -11.68 4.66 -19.65
CA LYS A 13 -11.77 6.10 -19.54
C LYS A 13 -13.25 6.45 -19.58
N GLY A 14 -13.56 7.74 -19.78
CA GLY A 14 -14.94 8.17 -19.78
C GLY A 14 -15.66 7.86 -18.49
N LEU A 15 -15.05 8.15 -17.34
CA LEU A 15 -15.62 7.81 -16.02
C LEU A 15 -16.66 8.87 -15.64
N ARG A 16 -17.81 8.84 -16.32
CA ARG A 16 -18.86 9.83 -16.12
C ARG A 16 -20.18 9.28 -16.63
N LEU A 17 -21.28 9.88 -16.16
CA LEU A 17 -22.60 9.58 -16.71
C LEU A 17 -23.07 10.60 -17.73
N HIS A 18 -22.52 11.81 -17.74
CA HIS A 18 -22.85 12.78 -18.77
C HIS A 18 -22.03 12.51 -20.04
N ASP A 19 -22.59 12.91 -21.18
CA ASP A 19 -21.96 12.77 -22.49
C ASP A 19 -21.29 11.41 -22.64
N ASN A 20 -22.10 10.37 -22.53
CA ASN A 20 -21.63 8.99 -22.62
C ASN A 20 -22.50 8.27 -23.64
N PRO A 21 -22.31 8.55 -24.93
CA PRO A 21 -23.18 7.93 -25.95
C PRO A 21 -23.10 6.42 -25.98
N ALA A 22 -21.98 5.83 -25.58
CA ALA A 22 -21.91 4.37 -25.56
C ALA A 22 -22.86 3.81 -24.53
N LEU A 23 -22.84 4.36 -23.31
CA LEU A 23 -23.74 3.90 -22.26
C LEU A 23 -25.19 4.20 -22.59
N LYS A 24 -25.45 5.35 -23.20
CA LYS A 24 -26.81 5.71 -23.58
C LYS A 24 -27.37 4.73 -24.62
N GLU A 25 -26.57 4.36 -25.62
CA GLU A 25 -27.08 3.45 -26.65
C GLU A 25 -27.19 2.03 -26.10
N CYS A 26 -26.27 1.64 -25.23
CA CYS A 26 -26.28 0.32 -24.63
C CYS A 26 -27.53 0.09 -23.80
N ILE A 27 -27.98 1.13 -23.09
CA ILE A 27 -29.18 1.04 -22.25
C ILE A 27 -30.45 0.89 -23.10
N GLN A 28 -30.46 1.46 -24.31
CA GLN A 28 -31.65 1.44 -25.15
C GLN A 28 -32.07 0.01 -25.47
N GLY A 29 -33.30 -0.33 -25.11
CA GLY A 29 -33.83 -1.65 -25.36
C GLY A 29 -33.38 -2.72 -24.42
N ALA A 30 -32.69 -2.39 -23.34
CA ALA A 30 -32.12 -3.39 -22.46
C ALA A 30 -33.04 -3.68 -21.29
N ASP A 31 -33.08 -4.95 -20.88
CA ASP A 31 -33.81 -5.34 -19.67
C ASP A 31 -32.98 -5.13 -18.41
N THR A 32 -31.67 -5.41 -18.47
CA THR A 32 -30.78 -5.17 -17.35
C THR A 32 -29.55 -4.40 -17.83
N ILE A 33 -28.92 -3.65 -16.92
CA ILE A 33 -27.69 -2.94 -17.21
C ILE A 33 -26.73 -3.13 -16.03
N ARG A 34 -25.48 -3.46 -16.33
CA ARG A 34 -24.41 -3.49 -15.33
C ARG A 34 -23.21 -2.74 -15.87
N CYS A 35 -22.74 -1.75 -15.11
CA CYS A 35 -21.54 -1.00 -15.44
C CYS A 35 -20.36 -1.64 -14.74
N VAL A 36 -19.32 -1.97 -15.49
CA VAL A 36 -18.18 -2.67 -14.93
C VAL A 36 -16.95 -1.80 -15.13
N TYR A 37 -16.03 -1.92 -14.17
CA TYR A 37 -14.66 -1.45 -14.35
C TYR A 37 -13.76 -2.64 -14.01
N ILE A 38 -12.79 -2.92 -14.88
CA ILE A 38 -11.92 -4.08 -14.68
C ILE A 38 -10.55 -3.59 -14.25
N LEU A 39 -10.18 -3.93 -13.02
CA LEU A 39 -8.84 -3.67 -12.50
C LEU A 39 -7.88 -4.70 -13.07
N ASP A 40 -7.05 -4.29 -14.02
CA ASP A 40 -6.18 -5.22 -14.73
C ASP A 40 -4.86 -5.38 -13.98
N PRO A 41 -4.47 -6.59 -13.55
CA PRO A 41 -3.18 -6.78 -12.88
C PRO A 41 -1.95 -6.46 -13.73
N TRP A 42 -2.14 -6.05 -14.99
CA TRP A 42 -1.03 -5.60 -15.82
C TRP A 42 -0.43 -4.28 -15.33
N PHE A 43 -1.23 -3.44 -14.70
CA PHE A 43 -0.78 -2.14 -14.22
C PHE A 43 -0.11 -2.21 -12.85
N ALA A 44 0.10 -3.41 -12.31
CA ALA A 44 0.69 -3.58 -10.99
C ALA A 44 2.20 -3.31 -11.01
N GLY A 45 2.78 -3.22 -9.82
CA GLY A 45 4.20 -3.02 -9.66
C GLY A 45 4.63 -1.61 -9.29
N SER A 46 3.69 -0.67 -9.18
CA SER A 46 4.02 0.69 -8.79
C SER A 46 4.50 0.73 -7.35
N SER A 47 5.42 1.65 -7.06
CA SER A 47 5.79 1.90 -5.68
C SER A 47 4.85 2.98 -5.13
N ASN A 48 5.06 3.36 -3.86
CA ASN A 48 4.22 4.39 -3.24
C ASN A 48 4.26 5.72 -3.99
N VAL A 49 5.22 5.91 -4.90
CA VAL A 49 5.29 7.16 -5.65
C VAL A 49 4.08 7.32 -6.55
N GLY A 50 3.50 6.22 -7.02
CA GLY A 50 2.38 6.25 -7.95
C GLY A 50 1.02 6.35 -7.29
N ILE A 51 0.99 6.81 -6.05
CA ILE A 51 -0.22 6.73 -5.24
C ILE A 51 -1.28 7.74 -5.70
N ASN A 52 -0.86 8.88 -6.25
CA ASN A 52 -1.84 9.92 -6.56
C ASN A 52 -2.71 9.52 -7.75
N ARG A 53 -2.13 8.83 -8.74
CA ARG A 53 -2.90 8.31 -9.85
C ARG A 53 -3.89 7.26 -9.37
N TRP A 54 -3.44 6.33 -8.54
CA TRP A 54 -4.34 5.31 -8.03
C TRP A 54 -5.44 5.93 -7.17
N ARG A 55 -5.07 6.86 -6.30
CA ARG A 55 -6.09 7.51 -5.45
C ARG A 55 -7.11 8.26 -6.31
N PHE A 56 -6.65 8.94 -7.36
CA PHE A 56 -7.57 9.65 -8.23
C PHE A 56 -8.53 8.68 -8.90
N LEU A 57 -7.99 7.57 -9.42
CA LEU A 57 -8.82 6.57 -10.06
C LEU A 57 -9.87 6.03 -9.11
N LEU A 58 -9.45 5.57 -7.93
CA LEU A 58 -10.40 5.02 -6.96
C LEU A 58 -11.48 6.03 -6.60
N GLN A 59 -11.10 7.31 -6.45
CA GLN A 59 -12.11 8.32 -6.17
C GLN A 59 -13.04 8.52 -7.36
N CYS A 60 -12.54 8.35 -8.58
CA CYS A 60 -13.40 8.37 -9.75
C CYS A 60 -14.39 7.22 -9.70
N LEU A 61 -13.91 6.01 -9.36
CA LEU A 61 -14.81 4.87 -9.26
C LEU A 61 -15.83 5.06 -8.13
N GLU A 62 -15.39 5.54 -6.96
CA GLU A 62 -16.32 5.80 -5.86
C GLU A 62 -17.42 6.74 -6.29
N ASP A 63 -17.06 7.80 -7.01
CA ASP A 63 -18.06 8.75 -7.48
C ASP A 63 -19.00 8.12 -8.49
N LEU A 64 -18.46 7.32 -9.41
CA LEU A 64 -19.32 6.60 -10.35
C LEU A 64 -20.30 5.69 -9.61
N ASP A 65 -19.81 4.94 -8.62
CA ASP A 65 -20.69 4.09 -7.83
C ASP A 65 -21.75 4.91 -7.11
N ALA A 66 -21.37 6.07 -6.54
CA ALA A 66 -22.32 6.88 -5.81
C ALA A 66 -23.40 7.45 -6.73
N ASN A 67 -23.00 7.86 -7.94
CA ASN A 67 -23.96 8.38 -8.90
C ASN A 67 -24.83 7.27 -9.47
N LEU A 68 -24.26 6.08 -9.68
CA LEU A 68 -25.08 4.95 -10.12
C LEU A 68 -26.11 4.56 -9.07
N ARG A 69 -25.76 4.70 -7.78
CA ARG A 69 -26.70 4.35 -6.73
C ARG A 69 -27.91 5.25 -6.73
N LYS A 70 -27.77 6.48 -7.24
CA LYS A 70 -28.91 7.37 -7.41
C LYS A 70 -29.83 6.90 -8.52
N LEU A 71 -29.34 6.05 -9.42
CA LEU A 71 -30.14 5.43 -10.46
C LEU A 71 -30.56 4.02 -10.08
N ASN A 72 -30.45 3.68 -8.80
CA ASN A 72 -30.76 2.33 -8.30
C ASN A 72 -29.81 1.30 -8.89
N SER A 73 -28.57 1.71 -9.16
CA SER A 73 -27.59 0.83 -9.76
C SER A 73 -26.33 0.80 -8.90
N ARG A 74 -25.31 0.09 -9.40
CA ARG A 74 -24.01 -0.06 -8.76
C ARG A 74 -22.94 -0.10 -9.82
N LEU A 75 -21.72 0.20 -9.42
CA LEU A 75 -20.54 -0.04 -10.26
C LEU A 75 -19.97 -1.41 -9.86
N PHE A 76 -19.79 -2.29 -10.84
CA PHE A 76 -19.14 -3.57 -10.58
C PHE A 76 -17.66 -3.42 -10.87
N VAL A 77 -16.80 -3.54 -9.86
CA VAL A 77 -15.36 -3.54 -10.06
C VAL A 77 -14.91 -5.00 -10.00
N ILE A 78 -14.28 -5.46 -11.05
CA ILE A 78 -13.82 -6.85 -11.14
C ILE A 78 -12.31 -6.82 -11.30
N ARG A 79 -11.62 -7.73 -10.63
CA ARG A 79 -10.17 -7.80 -10.70
C ARG A 79 -9.76 -8.96 -11.60
N GLY A 80 -8.97 -8.65 -12.62
CA GLY A 80 -8.45 -9.65 -13.52
C GLY A 80 -8.17 -9.04 -14.88
N GLN A 81 -7.69 -9.89 -15.79
CA GLN A 81 -7.48 -9.42 -17.16
C GLN A 81 -8.80 -9.46 -17.93
N PRO A 82 -9.13 -8.39 -18.66
CA PRO A 82 -10.36 -8.39 -19.50
C PRO A 82 -10.56 -9.66 -20.31
N ALA A 83 -9.50 -10.21 -20.92
CA ALA A 83 -9.64 -11.41 -21.75
C ALA A 83 -10.04 -12.63 -20.92
N ASP A 84 -9.59 -12.72 -19.68
CA ASP A 84 -10.04 -13.83 -18.84
C ASP A 84 -11.37 -13.53 -18.18
N VAL A 85 -11.62 -12.27 -17.86
CA VAL A 85 -12.81 -11.88 -17.11
C VAL A 85 -14.07 -11.98 -17.99
N PHE A 86 -14.04 -11.43 -19.20
CA PHE A 86 -15.27 -11.21 -19.97
C PHE A 86 -15.99 -12.48 -20.41
N PRO A 87 -15.30 -13.55 -20.80
CA PRO A 87 -16.04 -14.78 -21.13
C PRO A 87 -16.82 -15.34 -19.96
N ARG A 88 -16.26 -15.24 -18.74
CA ARG A 88 -16.98 -15.70 -17.54
C ARG A 88 -18.21 -14.82 -17.29
N LEU A 89 -18.03 -13.50 -17.39
CA LEU A 89 -19.13 -12.56 -17.21
C LEU A 89 -20.24 -12.82 -18.23
N PHE A 90 -19.89 -13.04 -19.50
CA PHE A 90 -20.89 -13.26 -20.54
C PHE A 90 -21.79 -14.44 -20.18
N LYS A 91 -21.19 -15.56 -19.78
CA LYS A 91 -22.00 -16.73 -19.45
C LYS A 91 -22.77 -16.51 -18.16
N GLU A 92 -22.11 -15.99 -17.12
CA GLU A 92 -22.74 -15.91 -15.81
C GLU A 92 -23.90 -14.91 -15.81
N TRP A 93 -23.74 -13.78 -16.47
CA TRP A 93 -24.81 -12.78 -16.51
C TRP A 93 -25.67 -12.90 -17.76
N ASN A 94 -25.36 -13.84 -18.65
CA ASN A 94 -26.08 -14.06 -19.91
C ASN A 94 -26.18 -12.75 -20.72
N ILE A 95 -25.02 -12.20 -21.03
CA ILE A 95 -24.94 -10.89 -21.66
C ILE A 95 -25.25 -10.99 -23.15
N THR A 96 -25.97 -10.01 -23.68
CA THR A 96 -26.20 -9.90 -25.10
C THR A 96 -25.55 -8.68 -25.73
N LYS A 97 -25.27 -7.62 -24.97
CA LYS A 97 -24.56 -6.50 -25.55
C LYS A 97 -23.56 -5.92 -24.56
N LEU A 98 -22.46 -5.41 -25.12
CA LEU A 98 -21.34 -4.83 -24.42
C LEU A 98 -20.97 -3.53 -25.09
N SER A 99 -20.88 -2.44 -24.30
CA SER A 99 -20.53 -1.13 -24.83
C SER A 99 -19.23 -0.62 -24.19
N ILE A 100 -18.47 0.14 -24.99
CA ILE A 100 -17.26 0.83 -24.55
C ILE A 100 -17.16 2.17 -25.27
N GLU A 101 -16.54 3.13 -24.60
CA GLU A 101 -16.11 4.35 -25.27
C GLU A 101 -14.83 4.05 -26.04
N TYR A 102 -14.78 4.49 -27.29
CA TYR A 102 -13.64 4.19 -28.14
C TYR A 102 -12.35 4.69 -27.51
N ASP A 103 -11.32 3.86 -27.57
CA ASP A 103 -9.97 4.21 -27.10
C ASP A 103 -9.02 4.12 -28.29
N SER A 104 -8.31 5.20 -28.57
CA SER A 104 -7.54 5.31 -29.79
C SER A 104 -6.11 4.82 -29.66
N GLU A 105 -5.63 4.63 -28.45
CA GLU A 105 -4.24 4.28 -28.21
C GLU A 105 -3.96 2.85 -28.66
N PRO A 106 -2.78 2.61 -29.24
CA PRO A 106 -2.45 1.27 -29.76
C PRO A 106 -2.75 0.11 -28.82
N PHE A 107 -2.35 0.24 -27.55
CA PHE A 107 -2.64 -0.78 -26.53
C PHE A 107 -4.13 -1.00 -26.36
N GLY A 108 -4.91 0.08 -26.29
CA GLY A 108 -6.35 -0.06 -26.10
C GLY A 108 -7.02 -0.68 -27.29
N LYS A 109 -6.62 -0.28 -28.50
CA LYS A 109 -7.16 -0.88 -29.72
C LYS A 109 -6.85 -2.37 -29.76
N GLU A 110 -5.62 -2.75 -29.41
CA GLU A 110 -5.24 -4.16 -29.37
C GLU A 110 -6.10 -4.94 -28.37
N ARG A 111 -6.18 -4.42 -27.13
CA ARG A 111 -7.05 -5.04 -26.14
C ARG A 111 -8.49 -5.12 -26.62
N ASP A 112 -9.01 -4.01 -27.16
CA ASP A 112 -10.42 -4.00 -27.54
C ASP A 112 -10.69 -4.93 -28.73
N ALA A 113 -9.72 -5.13 -29.63
CA ALA A 113 -9.94 -6.09 -30.71
C ALA A 113 -10.03 -7.51 -30.17
N ALA A 114 -9.20 -7.85 -29.17
CA ALA A 114 -9.28 -9.19 -28.58
C ALA A 114 -10.61 -9.41 -27.86
N ILE A 115 -11.16 -8.37 -27.25
CA ILE A 115 -12.41 -8.52 -26.50
C ILE A 115 -13.60 -8.66 -27.46
N LYS A 116 -13.54 -7.96 -28.61
CA LYS A 116 -14.53 -8.15 -29.66
C LYS A 116 -14.56 -9.59 -30.15
N LYS A 117 -13.39 -10.18 -30.41
CA LYS A 117 -13.38 -11.58 -30.82
C LYS A 117 -14.01 -12.46 -29.75
N LEU A 118 -13.75 -12.19 -28.47
CA LEU A 118 -14.35 -12.99 -27.41
C LEU A 118 -15.86 -12.76 -27.36
N ALA A 119 -16.29 -11.50 -27.51
CA ALA A 119 -17.71 -11.19 -27.56
C ALA A 119 -18.40 -11.92 -28.71
N THR A 120 -17.81 -11.85 -29.91
CA THR A 120 -18.38 -12.59 -31.04
C THR A 120 -18.57 -14.06 -30.71
N GLU A 121 -17.53 -14.67 -30.11
CA GLU A 121 -17.56 -16.07 -29.73
C GLU A 121 -18.70 -16.35 -28.76
N ALA A 122 -19.03 -15.39 -27.91
CA ALA A 122 -20.10 -15.54 -26.94
C ALA A 122 -21.45 -15.17 -27.50
N GLY A 123 -21.51 -14.58 -28.70
CA GLY A 123 -22.76 -14.10 -29.24
C GLY A 123 -23.19 -12.76 -28.68
N VAL A 124 -22.23 -11.93 -28.27
CA VAL A 124 -22.46 -10.63 -27.65
C VAL A 124 -22.22 -9.55 -28.69
N GLU A 125 -23.19 -8.70 -28.90
CA GLU A 125 -23.05 -7.56 -29.79
C GLU A 125 -22.22 -6.47 -29.09
N VAL A 126 -21.36 -5.79 -29.84
CA VAL A 126 -20.42 -4.83 -29.27
C VAL A 126 -20.68 -3.43 -29.80
N ILE A 127 -20.86 -2.49 -28.88
CA ILE A 127 -21.16 -1.09 -29.19
C ILE A 127 -19.95 -0.25 -28.84
N VAL A 128 -19.47 0.52 -29.83
CA VAL A 128 -18.31 1.41 -29.67
C VAL A 128 -18.75 2.80 -30.10
N ARG A 129 -18.57 3.80 -29.23
CA ARG A 129 -18.85 5.18 -29.57
C ARG A 129 -17.69 6.07 -29.15
N ILE A 130 -17.45 7.13 -29.95
CA ILE A 130 -16.35 8.08 -29.71
C ILE A 130 -16.85 9.14 -28.73
N SER A 131 -16.07 9.40 -27.67
CA SER A 131 -16.43 10.47 -26.75
C SER A 131 -15.28 10.87 -25.83
N HIS A 132 -14.09 10.32 -26.05
CA HIS A 132 -12.94 10.81 -25.31
C HIS A 132 -12.27 12.00 -26.00
N THR A 133 -12.50 12.17 -27.31
CA THR A 133 -11.90 13.23 -28.11
C THR A 133 -12.99 14.04 -28.80
N LEU A 134 -12.65 15.30 -29.14
CA LEU A 134 -13.54 16.19 -29.90
C LEU A 134 -13.90 15.64 -31.28
N TYR A 135 -12.98 14.93 -31.94
CA TYR A 135 -13.15 14.51 -33.33
C TYR A 135 -13.03 13.00 -33.45
N ASP A 136 -13.42 12.53 -34.63
CA ASP A 136 -13.13 11.18 -35.12
C ASP A 136 -11.71 11.18 -35.66
N LEU A 137 -10.77 10.62 -34.89
CA LEU A 137 -9.37 10.69 -35.27
C LEU A 137 -9.11 9.98 -36.60
N ASP A 138 -9.75 8.82 -36.82
CA ASP A 138 -9.51 8.09 -38.07
C ASP A 138 -9.97 8.89 -39.28
N LYS A 139 -11.03 9.68 -39.15
CA LYS A 139 -11.45 10.55 -40.24
C LYS A 139 -10.40 11.63 -40.50
N ILE A 140 -9.78 12.15 -39.46
CA ILE A 140 -8.67 13.09 -39.67
C ILE A 140 -7.58 12.41 -40.47
N ILE A 141 -7.26 11.16 -40.12
CA ILE A 141 -6.18 10.44 -40.78
C ILE A 141 -6.55 10.14 -42.23
N GLU A 142 -7.80 9.69 -42.47
CA GLU A 142 -8.25 9.48 -43.84
C GLU A 142 -8.23 10.77 -44.63
N LEU A 143 -8.64 11.88 -44.00
CA LEU A 143 -8.60 13.18 -44.68
C LEU A 143 -7.19 13.53 -45.12
N ASN A 144 -6.19 13.06 -44.38
CA ASN A 144 -4.79 13.37 -44.65
C ASN A 144 -4.13 12.35 -45.56
N GLY A 145 -4.91 11.49 -46.21
CA GLY A 145 -4.34 10.52 -47.13
C GLY A 145 -3.88 9.25 -46.48
N GLY A 146 -4.40 8.93 -45.29
CA GLY A 146 -4.05 7.69 -44.65
C GLY A 146 -2.90 7.78 -43.69
N GLN A 147 -2.31 8.96 -43.51
CA GLN A 147 -1.23 9.14 -42.55
C GLN A 147 -1.58 10.26 -41.58
N PRO A 148 -1.26 10.09 -40.30
CA PRO A 148 -1.60 11.13 -39.33
C PRO A 148 -0.80 12.38 -39.60
N PRO A 149 -1.36 13.56 -39.31
CA PRO A 149 -0.63 14.80 -39.58
C PRO A 149 0.69 14.82 -38.84
N LEU A 150 1.75 15.24 -39.54
CA LEU A 150 3.07 15.28 -38.94
C LEU A 150 3.26 16.50 -38.06
N THR A 151 2.58 17.60 -38.38
CA THR A 151 2.73 18.85 -37.65
C THR A 151 1.40 19.34 -37.12
N TYR A 152 1.48 20.13 -36.04
CA TYR A 152 0.29 20.69 -35.42
C TYR A 152 -0.45 21.63 -36.38
N LYS A 153 0.30 22.41 -37.17
CA LYS A 153 -0.33 23.34 -38.11
C LYS A 153 -1.09 22.59 -39.19
N ARG A 154 -0.57 21.44 -39.65
CA ARG A 154 -1.32 20.63 -40.60
C ARG A 154 -2.55 20.04 -39.93
N PHE A 155 -2.43 19.70 -38.65
CA PHE A 155 -3.56 19.20 -37.88
C PHE A 155 -4.66 20.25 -37.79
N GLN A 156 -4.29 21.49 -37.42
CA GLN A 156 -5.26 22.58 -37.37
C GLN A 156 -5.96 22.73 -38.71
N THR A 157 -5.20 22.68 -39.80
CA THR A 157 -5.77 22.78 -41.14
C THR A 157 -6.74 21.63 -41.40
N LEU A 158 -6.46 20.44 -40.89
CA LEU A 158 -7.35 19.31 -41.15
C LEU A 158 -8.66 19.45 -40.40
N VAL A 159 -8.60 19.82 -39.11
CA VAL A 159 -9.84 20.00 -38.35
C VAL A 159 -10.63 21.21 -38.83
N SER A 160 -9.98 22.18 -39.46
CA SER A 160 -10.69 23.30 -40.07
C SER A 160 -11.76 22.82 -41.04
N LYS A 161 -11.47 21.74 -41.79
CA LYS A 161 -12.40 21.26 -42.80
C LYS A 161 -13.47 20.35 -42.24
N MET A 162 -13.19 19.68 -41.12
CA MET A 162 -14.12 18.74 -40.51
C MET A 162 -15.44 19.42 -40.15
N LEU A 165 -16.72 19.65 -34.78
CA LEU A 165 -16.79 18.83 -33.58
C LEU A 165 -18.18 18.19 -33.47
N GLU A 166 -18.25 17.00 -32.87
CA GLU A 166 -19.50 16.29 -32.63
C GLU A 166 -20.15 16.75 -31.33
N MET A 167 -21.49 16.65 -31.27
CA MET A 167 -22.32 17.19 -30.18
C MET A 167 -22.59 16.12 -29.12
N PRO A 168 -22.94 16.55 -27.86
CA PRO A 168 -23.00 15.58 -26.74
C PRO A 168 -24.38 14.99 -26.45
N ALA A 169 -24.40 13.75 -25.96
CA ALA A 169 -25.63 13.07 -25.60
C ALA A 169 -26.11 13.48 -24.21
N ASP A 170 -27.39 13.24 -23.94
CA ASP A 170 -27.97 13.63 -22.66
C ASP A 170 -27.40 12.80 -21.52
N THR A 171 -27.34 13.40 -20.33
CA THR A 171 -26.87 12.68 -19.16
C THR A 171 -27.80 11.52 -18.86
N ILE A 172 -27.24 10.40 -18.38
CA ILE A 172 -28.04 9.24 -18.05
C ILE A 172 -28.89 9.57 -16.82
N THR A 173 -30.21 9.53 -16.97
CA THR A 173 -31.12 9.96 -15.92
C THR A 173 -31.89 8.77 -15.38
N SER A 174 -32.75 9.04 -14.39
CA SER A 174 -33.72 8.03 -14.01
C SER A 174 -34.74 7.82 -15.14
N ASP A 175 -35.02 8.89 -15.88
CA ASP A 175 -35.88 8.80 -17.05
C ASP A 175 -35.22 7.97 -18.15
N VAL A 176 -33.90 8.17 -18.36
CA VAL A 176 -33.19 7.41 -19.38
C VAL A 176 -33.16 5.92 -19.03
N ILE A 177 -32.90 5.59 -17.77
CA ILE A 177 -32.85 4.20 -17.33
C ILE A 177 -34.17 3.50 -17.64
N GLY A 178 -35.29 4.15 -17.31
CA GLY A 178 -36.59 3.57 -17.62
C GLY A 178 -36.85 2.32 -16.79
N LYS A 179 -37.31 1.25 -17.45
CA LYS A 179 -37.52 -0.03 -16.78
C LYS A 179 -36.28 -0.91 -16.80
N CYS A 180 -35.14 -0.37 -17.23
CA CYS A 180 -33.88 -1.09 -17.09
C CYS A 180 -33.50 -1.16 -15.63
N MET A 181 -33.05 -2.32 -15.18
CA MET A 181 -32.69 -2.45 -13.78
C MET A 181 -31.34 -3.15 -13.66
N THR A 182 -30.80 -3.15 -12.46
CA THR A 182 -29.52 -3.78 -12.17
C THR A 182 -29.73 -4.88 -11.15
N PRO A 183 -29.63 -6.16 -11.53
CA PRO A 183 -29.78 -7.24 -10.53
C PRO A 183 -28.57 -7.28 -9.61
N LEU A 184 -28.83 -7.44 -8.31
CA LEU A 184 -27.82 -7.30 -7.29
C LEU A 184 -27.81 -8.53 -6.39
N SER A 185 -26.63 -9.09 -6.15
CA SER A 185 -26.48 -10.14 -5.15
C SER A 185 -26.39 -9.52 -3.76
N ASP A 186 -26.55 -10.39 -2.74
CA ASP A 186 -26.50 -9.92 -1.36
C ASP A 186 -25.09 -9.52 -0.96
N ASP A 187 -24.09 -10.20 -1.52
CA ASP A 187 -22.69 -9.93 -1.21
C ASP A 187 -22.05 -9.02 -2.26
N HIS A 188 -22.84 -8.15 -2.89
CA HIS A 188 -22.32 -7.31 -3.97
C HIS A 188 -21.10 -6.51 -3.54
N ASP A 189 -21.21 -5.80 -2.40
CA ASP A 189 -20.11 -4.93 -1.97
C ASP A 189 -18.86 -5.74 -1.69
N GLU A 190 -19.02 -6.90 -1.06
CA GLU A 190 -17.89 -7.78 -0.79
C GLU A 190 -17.23 -8.29 -2.07
N LYS A 191 -18.02 -8.48 -3.13
CA LYS A 191 -17.54 -9.11 -4.36
C LYS A 191 -17.17 -8.11 -5.44
N TYR A 192 -17.81 -6.95 -5.50
CA TYR A 192 -17.60 -6.01 -6.59
C TYR A 192 -17.34 -4.61 -6.11
N GLY A 193 -17.12 -4.40 -4.82
CA GLY A 193 -16.96 -3.07 -4.30
C GLY A 193 -15.69 -2.42 -4.79
N VAL A 194 -15.65 -1.11 -4.66
CA VAL A 194 -14.47 -0.36 -5.07
C VAL A 194 -13.35 -0.63 -4.08
N PRO A 195 -12.17 -1.04 -4.55
CA PRO A 195 -11.04 -1.27 -3.64
C PRO A 195 -10.58 0.03 -2.97
N SER A 196 -9.99 -0.14 -1.79
CA SER A 196 -9.26 0.94 -1.13
C SER A 196 -7.81 0.94 -1.55
N LEU A 197 -7.11 2.02 -1.17
CA LEU A 197 -5.69 2.13 -1.49
C LEU A 197 -4.89 1.05 -0.77
N GLU A 198 -5.24 0.76 0.48
CA GLU A 198 -4.55 -0.29 1.23
C GLU A 198 -4.73 -1.65 0.57
N GLU A 199 -5.92 -1.92 0.04
CA GLU A 199 -6.14 -3.19 -0.66
C GLU A 199 -5.27 -3.34 -1.89
N LEU A 200 -4.79 -2.25 -2.48
CA LEU A 200 -3.82 -2.36 -3.55
C LEU A 200 -2.38 -2.35 -3.05
N GLY A 201 -2.18 -2.25 -1.75
CA GLY A 201 -0.85 -2.28 -1.18
C GLY A 201 -0.20 -0.95 -0.90
N PHE A 202 -0.92 0.15 -1.04
CA PHE A 202 -0.33 1.46 -0.83
C PHE A 202 -0.40 1.88 0.63
N ASP A 203 0.65 2.57 1.08
CA ASP A 203 0.72 3.13 2.44
C ASP A 203 -0.04 4.44 2.48
N THR A 204 -1.07 4.51 3.32
CA THR A 204 -1.92 5.68 3.43
C THR A 204 -1.74 6.42 4.74
N ASP A 205 -0.91 5.90 5.66
CA ASP A 205 -0.75 6.54 6.96
C ASP A 205 -0.15 7.94 6.83
N GLY A 206 0.86 8.08 5.97
CA GLY A 206 1.35 9.40 5.63
C GLY A 206 0.66 9.92 4.39
N LEU A 207 -0.56 10.45 4.55
CA LEU A 207 -1.33 10.91 3.39
C LEU A 207 -2.45 11.85 3.87
N SER A 208 -2.34 13.12 3.50
CA SER A 208 -3.42 14.07 3.75
C SER A 208 -4.43 14.01 2.60
N SER A 209 -5.45 14.86 2.67
CA SER A 209 -6.53 14.80 1.69
C SER A 209 -6.08 15.37 0.34
N ALA A 210 -6.67 14.85 -0.73
CA ALA A 210 -6.13 15.11 -2.06
C ALA A 210 -6.30 16.57 -2.49
N VAL A 211 -5.26 17.10 -3.13
CA VAL A 211 -5.36 18.39 -3.82
C VAL A 211 -6.31 18.27 -5.01
N TRP A 212 -6.31 17.11 -5.69
CA TRP A 212 -7.12 16.85 -6.87
C TRP A 212 -8.07 15.70 -6.59
N PRO A 213 -9.24 15.96 -5.99
CA PRO A 213 -10.18 14.86 -5.72
C PRO A 213 -10.81 14.36 -7.00
N GLY A 214 -10.83 13.02 -7.19
CA GLY A 214 -11.34 12.46 -8.43
C GLY A 214 -12.85 12.52 -8.56
N GLY A 215 -13.34 12.27 -9.78
CA GLY A 215 -14.77 12.04 -9.97
C GLY A 215 -15.54 13.10 -10.74
N GLU A 216 -16.56 12.64 -11.46
CA GLU A 216 -17.42 13.51 -12.25
C GLU A 216 -18.03 14.64 -11.40
N THR A 217 -18.49 14.32 -10.20
CA THR A 217 -19.11 15.32 -9.34
C THR A 217 -18.15 16.47 -9.04
N GLU A 218 -16.89 16.15 -8.72
CA GLU A 218 -15.90 17.20 -8.54
C GLU A 218 -15.68 17.98 -9.83
N ALA A 219 -15.66 17.29 -10.98
CA ALA A 219 -15.37 17.94 -12.25
C ALA A 219 -16.48 18.90 -12.65
N LEU A 220 -17.74 18.46 -12.54
CA LEU A 220 -18.85 19.33 -12.93
C LEU A 220 -18.94 20.54 -12.01
N THR A 221 -18.61 20.37 -10.73
CA THR A 221 -18.55 21.51 -9.81
C THR A 221 -17.44 22.47 -10.20
N ARG A 222 -16.25 21.94 -10.49
CA ARG A 222 -15.14 22.78 -10.92
C ARG A 222 -15.47 23.47 -12.24
N LEU A 223 -16.16 22.77 -13.15
CA LEU A 223 -16.48 23.35 -14.46
C LEU A 223 -17.23 24.67 -14.29
N GLU A 224 -18.28 24.68 -13.46
CA GLU A 224 -19.05 25.90 -13.35
C GLU A 224 -18.22 27.02 -12.68
N ARG A 225 -17.49 26.69 -11.61
CA ARG A 225 -16.67 27.73 -10.99
C ARG A 225 -15.57 28.21 -11.94
N HIS A 226 -15.00 27.29 -12.73
CA HIS A 226 -14.01 27.65 -13.73
C HIS A 226 -14.58 28.60 -14.78
N LEU A 227 -15.83 28.36 -15.23
CA LEU A 227 -16.42 29.23 -16.24
C LEU A 227 -16.73 30.59 -15.66
N GLU A 228 -17.23 30.65 -14.41
CA GLU A 228 -17.54 31.93 -13.80
C GLU A 228 -16.30 32.77 -13.56
N ARG A 229 -15.20 32.14 -13.13
CA ARG A 229 -13.97 32.90 -12.94
C ARG A 229 -13.50 33.53 -14.25
N LYS A 230 -13.54 32.76 -15.34
CA LYS A 230 -13.02 33.26 -16.61
C LYS A 230 -13.93 34.33 -17.21
N ALA A 231 -15.23 34.23 -16.96
CA ALA A 231 -16.13 35.30 -17.37
C ALA A 231 -15.77 36.61 -16.67
N TRP A 232 -15.42 36.55 -15.38
CA TRP A 232 -15.10 37.76 -14.64
C TRP A 232 -13.82 38.40 -15.16
N VAL A 233 -12.82 37.59 -15.56
CA VAL A 233 -11.57 38.15 -16.06
C VAL A 233 -11.73 38.63 -17.50
N ALA A 234 -12.62 38.00 -18.26
CA ALA A 234 -13.03 38.46 -19.58
C ALA A 234 -11.86 38.65 -20.55
N ASN A 242 2.91 34.11 -13.35
CA ASN A 242 2.21 34.37 -12.11
C ASN A 242 2.56 33.32 -11.06
N ALA A 243 2.92 33.79 -9.86
CA ALA A 243 3.38 32.87 -8.81
C ALA A 243 2.26 32.03 -8.26
N ASN A 244 1.03 32.54 -8.23
CA ASN A 244 -0.08 31.72 -7.77
C ASN A 244 -0.61 30.80 -8.86
N SER A 245 -0.21 31.01 -10.13
CA SER A 245 -0.59 30.09 -11.19
C SER A 245 0.20 28.80 -11.14
N LEU A 246 1.38 28.82 -10.53
CA LEU A 246 2.16 27.61 -10.33
C LEU A 246 1.49 26.66 -9.35
N LEU A 247 0.60 27.16 -8.51
CA LEU A 247 -0.10 26.35 -7.52
C LEU A 247 -1.35 25.75 -8.14
N ALA A 248 -1.76 24.59 -7.62
CA ALA A 248 -2.96 23.92 -8.08
C ALA A 248 -4.19 24.81 -7.94
N SER A 249 -4.95 24.92 -9.02
CA SER A 249 -6.11 25.80 -8.93
C SER A 249 -7.36 25.02 -8.59
N PRO A 250 -8.24 25.57 -7.75
CA PRO A 250 -9.50 24.88 -7.44
C PRO A 250 -10.45 24.82 -8.61
N THR A 251 -10.14 25.52 -9.70
CA THR A 251 -10.93 25.44 -10.91
C THR A 251 -10.22 24.69 -12.03
N GLY A 252 -9.06 24.11 -11.76
CA GLY A 252 -8.36 23.36 -12.81
C GLY A 252 -9.11 22.11 -13.19
N LEU A 253 -9.13 21.82 -14.50
CA LEU A 253 -9.89 20.70 -15.04
C LEU A 253 -9.05 19.60 -15.70
N SER A 254 -7.74 19.78 -15.90
CA SER A 254 -7.01 18.83 -16.73
C SER A 254 -7.05 17.38 -16.23
N PRO A 255 -6.87 17.06 -14.94
CA PRO A 255 -6.98 15.64 -14.56
C PRO A 255 -8.33 15.02 -14.89
N TYR A 256 -9.40 15.81 -14.82
CA TYR A 256 -10.74 15.29 -15.10
C TYR A 256 -10.91 15.00 -16.58
N LEU A 257 -10.25 15.75 -17.44
CA LEU A 257 -10.30 15.47 -18.86
C LEU A 257 -9.56 14.17 -19.19
N ARG A 258 -8.48 13.88 -18.47
CA ARG A 258 -7.69 12.69 -18.79
C ARG A 258 -8.46 11.43 -18.42
N PHE A 259 -9.09 11.41 -17.25
CA PHE A 259 -9.85 10.24 -16.80
C PHE A 259 -11.26 10.22 -17.38
N GLY A 260 -11.69 11.27 -18.07
CA GLY A 260 -13.04 11.28 -18.61
C GLY A 260 -14.13 11.56 -17.59
N CYS A 261 -13.78 12.12 -16.42
CA CYS A 261 -14.81 12.63 -15.51
C CYS A 261 -15.46 13.88 -16.05
N LEU A 262 -14.77 14.60 -16.92
CA LEU A 262 -15.34 15.77 -17.61
C LEU A 262 -15.23 15.50 -19.10
N SER A 263 -16.36 15.63 -19.81
CA SER A 263 -16.35 15.46 -21.26
C SER A 263 -15.52 16.56 -21.92
N CYS A 264 -14.64 16.21 -22.87
CA CYS A 264 -13.97 17.32 -23.53
C CYS A 264 -14.93 18.07 -24.45
N ARG A 265 -15.96 17.40 -24.99
CA ARG A 265 -16.88 18.06 -25.90
C ARG A 265 -17.78 19.03 -25.15
N LEU A 266 -18.26 18.66 -23.95
CA LEU A 266 -18.99 19.61 -23.12
C LEU A 266 -18.12 20.84 -22.83
N PHE A 267 -16.87 20.61 -22.42
CA PHE A 267 -15.97 21.72 -22.11
C PHE A 267 -15.80 22.64 -23.31
N TYR A 268 -15.59 22.07 -24.50
CA TYR A 268 -15.46 22.86 -25.72
C TYR A 268 -16.68 23.75 -25.95
N PHE A 269 -17.88 23.17 -25.84
CA PHE A 269 -19.11 23.95 -26.08
C PHE A 269 -19.29 25.03 -25.02
N LYS A 270 -19.03 24.71 -23.75
CA LYS A 270 -19.21 25.71 -22.70
C LYS A 270 -18.23 26.85 -22.85
N LEU A 271 -17.00 26.56 -23.25
CA LEU A 271 -16.03 27.62 -23.47
C LEU A 271 -16.43 28.48 -24.66
N THR A 272 -16.91 27.85 -25.74
CA THR A 272 -17.33 28.62 -26.90
C THR A 272 -18.53 29.50 -26.56
N ASP A 273 -19.48 28.97 -25.78
CA ASP A 273 -20.62 29.77 -25.36
C ASP A 273 -20.20 30.92 -24.47
N LEU A 274 -19.22 30.68 -23.59
CA LEU A 274 -18.71 31.75 -22.74
C LEU A 274 -18.08 32.87 -23.56
N TYR A 275 -17.24 32.50 -24.53
CA TYR A 275 -16.65 33.51 -25.39
C TYR A 275 -17.73 34.31 -26.12
N LYS A 276 -18.72 33.61 -26.71
CA LYS A 276 -19.80 34.32 -27.40
C LYS A 276 -20.53 35.27 -26.47
N LYS A 277 -20.77 34.85 -25.21
CA LYS A 277 -21.51 35.69 -24.28
C LYS A 277 -20.72 36.92 -23.86
N VAL A 278 -19.43 36.72 -23.55
CA VAL A 278 -18.61 37.79 -22.97
C VAL A 278 -18.12 38.73 -24.05
N LYS A 279 -17.64 38.20 -25.18
CA LYS A 279 -17.03 39.03 -26.20
C LYS A 279 -17.99 39.40 -27.32
N LYS A 280 -19.20 38.84 -27.33
CA LYS A 280 -20.21 39.15 -28.36
C LYS A 280 -19.64 38.92 -29.76
N ASN A 281 -18.89 37.84 -29.91
CA ASN A 281 -18.24 37.46 -31.16
C ASN A 281 -18.46 35.97 -31.38
N SER A 282 -18.50 35.56 -32.65
CA SER A 282 -18.78 34.16 -32.97
C SER A 282 -17.56 33.39 -33.48
N SER A 283 -16.41 34.05 -33.69
CA SER A 283 -15.21 33.44 -34.24
C SER A 283 -14.10 33.55 -33.21
N PRO A 284 -14.08 32.67 -32.22
CA PRO A 284 -13.08 32.77 -31.14
C PRO A 284 -11.69 32.45 -31.64
N PRO A 285 -10.66 32.91 -30.93
CA PRO A 285 -9.29 32.50 -31.27
C PRO A 285 -8.97 31.13 -30.71
N LEU A 286 -7.93 30.51 -31.29
CA LEU A 286 -7.53 29.19 -30.81
C LEU A 286 -7.09 29.22 -29.36
N SER A 287 -6.51 30.34 -28.91
CA SER A 287 -6.04 30.43 -27.52
C SER A 287 -7.15 30.15 -26.52
N LEU A 288 -8.41 30.37 -26.91
CA LEU A 288 -9.53 30.10 -26.00
C LEU A 288 -9.53 28.64 -25.53
N TYR A 289 -9.16 27.72 -26.43
CA TYR A 289 -9.27 26.30 -26.17
C TYR A 289 -8.03 25.71 -25.50
N GLY A 290 -7.01 26.53 -25.29
CA GLY A 290 -5.84 26.13 -24.52
C GLY A 290 -5.19 24.85 -25.06
N GLN A 291 -5.26 23.80 -24.25
CA GLN A 291 -4.58 22.55 -24.54
C GLN A 291 -5.43 21.55 -25.32
N LEU A 292 -6.66 21.91 -25.67
CA LEU A 292 -7.62 20.93 -26.19
C LEU A 292 -7.17 20.36 -27.52
N LEU A 293 -6.65 21.19 -28.42
CA LEU A 293 -6.26 20.71 -29.74
C LEU A 293 -4.92 20.00 -29.73
N TRP A 294 -4.00 20.39 -28.84
CA TRP A 294 -2.76 19.64 -28.67
C TRP A 294 -3.04 18.24 -28.15
N ARG A 295 -4.01 18.13 -27.24
CA ARG A 295 -4.49 16.83 -26.78
C ARG A 295 -4.95 15.98 -27.96
N GLU A 296 -5.85 16.52 -28.78
CA GLU A 296 -6.32 15.82 -29.96
C GLU A 296 -5.18 15.44 -30.88
N PHE A 297 -4.20 16.33 -31.01
CA PHE A 297 -3.13 16.11 -31.97
C PHE A 297 -2.28 14.90 -31.58
N PHE A 298 -1.89 14.81 -30.32
CA PHE A 298 -1.07 13.68 -29.88
C PHE A 298 -1.85 12.38 -29.93
N TYR A 299 -3.15 12.40 -29.64
CA TYR A 299 -3.95 11.19 -29.81
C TYR A 299 -3.94 10.75 -31.27
N THR A 300 -4.00 11.71 -32.20
CA THR A 300 -4.01 11.36 -33.61
C THR A 300 -2.67 10.81 -34.05
N ALA A 301 -1.58 11.43 -33.59
CA ALA A 301 -0.25 11.00 -34.00
C ALA A 301 0.10 9.60 -33.47
N ALA A 302 -0.44 9.23 -32.31
CA ALA A 302 -0.05 7.99 -31.67
C ALA A 302 -0.87 6.80 -32.12
N THR A 303 -2.08 7.02 -32.61
CA THR A 303 -3.07 5.94 -32.68
C THR A 303 -2.62 4.81 -33.59
N ASN A 304 -1.76 5.09 -34.56
CA ASN A 304 -1.28 4.06 -35.48
C ASN A 304 0.17 3.69 -35.24
N ASN A 305 0.76 4.13 -34.13
CA ASN A 305 2.19 3.97 -33.89
C ASN A 305 2.38 3.28 -32.55
N PRO A 306 2.42 1.94 -32.53
CA PRO A 306 2.63 1.23 -31.26
C PRO A 306 3.96 1.54 -30.60
N ARG A 307 4.97 2.00 -31.33
CA ARG A 307 6.24 2.40 -30.75
C ARG A 307 6.34 3.91 -30.52
N PHE A 308 5.19 4.60 -30.45
CA PHE A 308 5.19 6.04 -30.23
C PHE A 308 5.93 6.43 -28.96
N ASP A 309 6.04 5.53 -27.98
CA ASP A 309 6.74 5.81 -26.74
C ASP A 309 8.21 5.43 -26.78
N LYS A 310 8.77 5.13 -27.95
CA LYS A 310 10.17 4.72 -28.05
C LYS A 310 10.92 5.64 -28.99
N MET A 311 12.24 5.71 -28.83
CA MET A 311 13.04 6.39 -29.84
C MET A 311 13.45 5.42 -30.95
N GLU A 312 14.18 4.36 -30.61
CA GLU A 312 14.66 3.43 -31.63
C GLU A 312 13.48 2.70 -32.25
N GLY A 313 13.46 2.65 -33.59
CA GLY A 313 12.39 1.99 -34.32
C GLY A 313 11.13 2.81 -34.52
N ASN A 314 11.00 3.95 -33.87
CA ASN A 314 9.85 4.81 -34.04
C ASN A 314 10.06 5.71 -35.25
N PRO A 315 9.20 5.66 -36.27
CA PRO A 315 9.52 6.31 -37.54
C PRO A 315 9.55 7.83 -37.49
N ILE A 316 8.80 8.49 -36.60
CA ILE A 316 8.71 9.95 -36.60
C ILE A 316 9.63 10.57 -35.54
N CYS A 317 10.50 9.78 -34.93
CA CYS A 317 11.35 10.26 -33.84
C CYS A 317 12.79 10.32 -34.31
N VAL A 318 13.40 11.50 -34.23
CA VAL A 318 14.81 11.63 -34.61
C VAL A 318 15.65 10.78 -33.66
N GLN A 319 16.67 10.13 -34.21
CA GLN A 319 17.55 9.28 -33.42
C GLN A 319 18.66 10.14 -32.81
N ILE A 320 18.73 10.14 -31.48
CA ILE A 320 19.65 10.99 -30.74
C ILE A 320 20.35 10.14 -29.69
N PRO A 321 21.67 10.21 -29.57
CA PRO A 321 22.39 9.35 -28.60
C PRO A 321 22.47 9.95 -27.20
N TRP A 322 21.40 9.80 -26.44
CA TRP A 322 21.37 10.29 -25.07
C TRP A 322 22.30 9.47 -24.19
N ASP A 323 22.78 10.08 -23.11
CA ASP A 323 23.58 9.36 -22.14
C ASP A 323 22.68 8.53 -21.24
N LYS A 324 23.21 7.40 -20.77
CA LYS A 324 22.52 6.58 -19.77
C LYS A 324 23.20 6.89 -18.44
N ASN A 325 22.52 7.67 -17.60
CA ASN A 325 23.05 8.12 -16.31
C ASN A 325 21.95 7.98 -15.27
N PRO A 326 21.77 6.78 -14.71
CA PRO A 326 20.66 6.57 -13.77
C PRO A 326 20.80 7.34 -12.49
N GLU A 327 22.04 7.63 -12.08
CA GLU A 327 22.27 8.48 -10.91
C GLU A 327 21.73 9.87 -11.13
N ALA A 328 21.94 10.42 -12.34
CA ALA A 328 21.44 11.74 -12.66
C ALA A 328 19.93 11.74 -12.82
N LEU A 329 19.38 10.67 -13.39
CA LEU A 329 17.94 10.57 -13.55
C LEU A 329 17.24 10.61 -12.19
N ALA A 330 17.76 9.86 -11.22
CA ALA A 330 17.10 9.74 -9.92
C ALA A 330 17.06 11.09 -9.20
N LYS A 331 18.17 11.83 -9.25
CA LYS A 331 18.22 13.17 -8.67
C LYS A 331 17.17 14.07 -9.32
N TRP A 332 17.01 13.96 -10.64
CA TRP A 332 15.95 14.69 -11.31
C TRP A 332 14.57 14.17 -10.90
N ALA A 333 14.41 12.85 -10.86
CA ALA A 333 13.11 12.28 -10.52
C ALA A 333 12.71 12.57 -9.09
N GLU A 334 13.68 12.66 -8.18
CA GLU A 334 13.41 12.85 -6.75
C GLU A 334 13.54 14.30 -6.31
N GLY A 335 13.74 15.23 -7.24
CA GLY A 335 13.85 16.63 -6.90
C GLY A 335 15.05 16.95 -6.03
N ARG A 336 16.22 16.39 -6.35
CA ARG A 336 17.46 16.62 -5.63
C ARG A 336 18.57 16.96 -6.64
N THR A 337 18.33 18.01 -7.43
CA THR A 337 19.27 18.45 -8.45
C THR A 337 20.18 19.58 -7.99
N GLY A 338 19.82 20.28 -6.93
CA GLY A 338 20.53 21.46 -6.51
C GLY A 338 19.98 22.75 -7.10
N PHE A 339 19.16 22.67 -8.15
CA PHE A 339 18.49 23.84 -8.69
C PHE A 339 17.12 23.93 -8.06
N PRO A 340 16.87 24.86 -7.14
CA PRO A 340 15.58 24.86 -6.43
C PRO A 340 14.37 25.01 -7.34
N TRP A 341 14.51 25.72 -8.46
CA TRP A 341 13.43 25.77 -9.45
C TRP A 341 13.05 24.38 -9.92
N ILE A 342 14.02 23.63 -10.43
CA ILE A 342 13.74 22.28 -10.92
C ILE A 342 13.27 21.39 -9.77
N ASP A 343 13.92 21.48 -8.61
CA ASP A 343 13.59 20.62 -7.49
C ASP A 343 12.18 20.92 -6.96
N ALA A 344 11.79 22.20 -6.94
CA ALA A 344 10.47 22.54 -6.41
C ALA A 344 9.37 21.98 -7.31
N ILE A 345 9.60 21.99 -8.63
CA ILE A 345 8.60 21.48 -9.55
C ILE A 345 8.46 19.97 -9.40
N MET A 346 9.59 19.25 -9.30
CA MET A 346 9.51 17.79 -9.19
C MET A 346 8.88 17.39 -7.87
N THR A 347 9.12 18.16 -6.81
CA THR A 347 8.48 17.90 -5.52
C THR A 347 6.97 18.12 -5.60
N GLN A 348 6.55 19.25 -6.19
CA GLN A 348 5.12 19.49 -6.36
C GLN A 348 4.48 18.40 -7.21
N LEU A 349 5.20 17.90 -8.21
CA LEU A 349 4.66 16.83 -9.03
C LEU A 349 4.49 15.56 -8.20
N ARG A 350 5.50 15.22 -7.39
CA ARG A 350 5.44 14.00 -6.59
C ARG A 350 4.30 14.07 -5.56
N GLN A 351 4.14 15.22 -4.91
CA GLN A 351 3.22 15.31 -3.79
C GLN A 351 1.76 15.42 -4.23
N GLU A 352 1.51 16.02 -5.40
CA GLU A 352 0.16 16.39 -5.80
C GLU A 352 -0.26 15.81 -7.15
N GLY A 353 0.64 15.68 -8.11
CA GLY A 353 0.31 15.09 -9.39
C GLY A 353 -0.04 16.08 -10.48
N TRP A 354 0.08 17.38 -10.21
CA TRP A 354 -0.05 18.36 -11.27
C TRP A 354 1.01 19.44 -11.09
N ILE A 355 1.59 19.87 -12.21
CA ILE A 355 2.47 21.03 -12.25
C ILE A 355 2.07 21.85 -13.47
N HIS A 356 2.43 23.13 -13.44
CA HIS A 356 2.08 24.04 -14.53
C HIS A 356 2.71 23.59 -15.85
N HIS A 357 2.00 23.85 -16.95
CA HIS A 357 2.53 23.49 -18.27
C HIS A 357 3.91 24.09 -18.52
N LEU A 358 4.13 25.34 -18.11
CA LEU A 358 5.45 25.93 -18.29
C LEU A 358 6.50 25.25 -17.41
N ALA A 359 6.09 24.76 -16.23
CA ALA A 359 7.00 23.98 -15.39
C ALA A 359 7.37 22.66 -16.05
N ARG A 360 6.42 22.04 -16.76
CA ARG A 360 6.70 20.81 -17.48
C ARG A 360 7.76 21.05 -18.56
N HIS A 361 7.64 22.15 -19.31
CA HIS A 361 8.66 22.56 -20.27
C HIS A 361 10.03 22.68 -19.59
N ALA A 362 10.07 23.32 -18.42
CA ALA A 362 11.33 23.59 -17.74
C ALA A 362 12.03 22.29 -17.35
N VAL A 363 11.31 21.36 -16.70
CA VAL A 363 12.01 20.18 -16.21
C VAL A 363 12.27 19.19 -17.34
N ALA A 364 11.52 19.27 -18.43
CA ALA A 364 11.76 18.42 -19.60
C ALA A 364 13.01 18.86 -20.35
N CYS A 365 13.12 20.15 -20.67
CA CYS A 365 14.35 20.66 -21.27
C CYS A 365 15.55 20.38 -20.39
N PHE A 366 15.41 20.59 -19.07
CA PHE A 366 16.53 20.34 -18.17
C PHE A 366 17.00 18.89 -18.27
N LEU A 367 16.07 17.96 -18.36
CA LEU A 367 16.44 16.54 -18.36
C LEU A 367 17.06 16.12 -19.69
N THR A 368 16.56 16.65 -20.80
CA THR A 368 16.90 16.10 -22.11
C THR A 368 17.86 17.05 -22.81
N ARG A 369 17.38 17.95 -23.66
CA ARG A 369 18.25 18.72 -24.55
C ARG A 369 19.00 19.83 -23.84
N GLY A 370 18.59 20.21 -22.64
CA GLY A 370 19.25 21.30 -21.94
C GLY A 370 20.48 20.88 -21.17
N ASP A 371 20.32 20.13 -20.09
CA ASP A 371 21.39 19.91 -19.15
C ASP A 371 21.89 18.46 -19.11
N LEU A 372 21.04 17.51 -18.73
CA LEU A 372 21.53 16.18 -18.41
C LEU A 372 21.69 15.27 -19.62
N TRP A 373 21.08 15.59 -20.76
CA TRP A 373 21.22 14.78 -21.97
C TRP A 373 20.76 13.35 -21.74
N ILE A 374 19.69 13.22 -20.96
CA ILE A 374 19.08 11.92 -20.67
C ILE A 374 17.83 11.80 -21.53
N SER A 375 17.54 10.57 -21.96
CA SER A 375 16.55 10.33 -23.01
C SER A 375 15.15 10.78 -22.57
N TRP A 376 14.39 11.31 -23.53
CA TRP A 376 13.02 11.72 -23.27
C TRP A 376 12.17 10.55 -22.78
N GLU A 377 12.54 9.32 -23.15
CA GLU A 377 11.76 8.17 -22.69
C GLU A 377 11.77 8.09 -21.18
N GLU A 378 12.90 8.43 -20.55
CA GLU A 378 13.02 8.31 -19.10
C GLU A 378 12.19 9.35 -18.38
N GLY A 379 12.10 10.56 -18.93
CA GLY A 379 11.22 11.56 -18.34
C GLY A 379 9.76 11.16 -18.48
N MET A 380 9.40 10.62 -19.63
CA MET A 380 8.03 10.18 -19.85
C MET A 380 7.63 9.14 -18.82
N LYS A 381 8.53 8.21 -18.50
CA LYS A 381 8.21 7.15 -17.52
C LYS A 381 7.96 7.74 -16.14
N VAL A 382 8.79 8.70 -15.72
CA VAL A 382 8.55 9.38 -14.45
C VAL A 382 7.22 10.13 -14.49
N PHE A 383 6.90 10.79 -15.61
CA PHE A 383 5.64 11.52 -15.71
C PHE A 383 4.45 10.55 -15.76
N GLU A 384 4.56 9.43 -16.47
CA GLU A 384 3.47 8.47 -16.50
C GLU A 384 3.11 7.97 -15.12
N GLU A 385 4.09 7.84 -14.25
CA GLU A 385 3.76 7.40 -12.92
C GLU A 385 3.24 8.53 -12.03
N LEU A 386 3.65 9.77 -12.25
CA LEU A 386 3.34 10.84 -11.31
C LEU A 386 2.24 11.79 -11.76
N LEU A 387 2.06 12.00 -13.07
CA LEU A 387 1.25 13.09 -13.60
C LEU A 387 -0.19 12.66 -13.83
N LEU A 388 -1.14 13.38 -13.21
CA LEU A 388 -2.55 12.97 -13.29
C LEU A 388 -3.20 13.26 -14.63
N ASP A 389 -2.74 14.23 -15.41
CA ASP A 389 -3.55 14.73 -16.52
C ASP A 389 -3.00 14.39 -17.89
N ALA A 390 -2.03 13.49 -17.99
CA ALA A 390 -1.43 13.17 -19.27
C ALA A 390 -1.35 11.65 -19.37
N ASP A 391 -1.99 11.08 -20.37
CA ASP A 391 -1.87 9.66 -20.58
C ASP A 391 -0.86 9.39 -21.69
N TRP A 392 -0.79 8.12 -22.09
CA TRP A 392 0.35 7.61 -22.85
C TRP A 392 0.60 8.42 -24.12
N SER A 393 -0.45 8.70 -24.89
CA SER A 393 -0.26 9.41 -26.16
C SER A 393 0.30 10.80 -25.94
N ILE A 394 -0.32 11.56 -25.04
CA ILE A 394 0.05 12.96 -24.87
C ILE A 394 1.40 13.08 -24.16
N ASN A 395 1.69 12.13 -23.28
CA ASN A 395 2.94 12.14 -22.56
C ASN A 395 4.11 11.78 -23.47
N ALA A 396 3.96 10.72 -24.28
CA ALA A 396 5.02 10.37 -25.20
C ALA A 396 5.24 11.47 -26.23
N GLY A 397 4.15 12.02 -26.77
CA GLY A 397 4.29 13.05 -27.79
C GLY A 397 4.89 14.33 -27.23
N SER A 398 4.54 14.68 -25.99
CA SER A 398 5.06 15.93 -25.42
C SER A 398 6.55 15.82 -25.15
N TRP A 399 6.98 14.69 -24.61
CA TRP A 399 8.40 14.50 -24.31
C TRP A 399 9.24 14.43 -25.59
N MET A 400 8.69 13.84 -26.66
CA MET A 400 9.38 13.84 -27.95
C MET A 400 9.53 15.25 -28.48
N TRP A 401 8.42 16.00 -28.52
CA TRP A 401 8.42 17.33 -29.11
C TRP A 401 9.31 18.28 -28.31
N LEU A 402 9.25 18.23 -26.98
CA LEU A 402 10.01 19.17 -26.17
C LEU A 402 11.49 18.82 -26.07
N SER A 403 11.87 17.59 -26.40
CA SER A 403 13.28 17.21 -26.45
C SER A 403 13.89 17.39 -27.83
N CYS A 404 13.28 18.21 -28.68
CA CYS A 404 13.63 18.30 -30.11
C CYS A 404 13.80 16.93 -30.77
N SER A 405 12.96 15.95 -30.44
CA SER A 405 13.01 14.67 -31.11
C SER A 405 11.98 14.53 -32.21
N SER A 406 11.21 15.58 -32.48
CA SER A 406 10.30 15.62 -33.62
C SER A 406 10.97 16.41 -34.75
N PHE A 407 10.95 15.84 -35.95
CA PHE A 407 11.72 16.39 -37.05
C PHE A 407 11.32 17.82 -37.36
N PHE A 408 10.04 18.16 -37.21
CA PHE A 408 9.53 19.43 -37.71
C PHE A 408 9.30 20.47 -36.62
N GLN A 409 9.77 20.24 -35.41
CA GLN A 409 9.66 21.22 -34.34
C GLN A 409 11.04 21.35 -33.70
N GLN A 410 11.80 22.34 -34.16
CA GLN A 410 13.11 22.63 -33.62
C GLN A 410 13.01 23.88 -32.77
N PHE A 411 13.48 23.79 -31.53
CA PHE A 411 13.36 24.91 -30.60
C PHE A 411 14.67 25.68 -30.58
N PHE A 412 14.56 27.00 -30.66
CA PHE A 412 15.72 27.88 -30.59
C PHE A 412 16.00 28.34 -29.18
N HIS A 413 15.16 27.97 -28.21
CA HIS A 413 15.23 28.48 -26.84
C HIS A 413 15.59 27.36 -25.88
N CYS A 414 16.54 27.65 -24.98
CA CYS A 414 16.95 26.71 -23.94
C CYS A 414 16.59 27.31 -22.59
N TYR A 415 15.76 26.61 -21.82
CA TYR A 415 15.32 27.13 -20.53
C TYR A 415 16.51 27.28 -19.58
N CYS A 416 16.46 28.32 -18.76
CA CYS A 416 17.49 28.51 -17.74
C CYS A 416 16.98 28.03 -16.39
N PRO A 417 17.64 27.07 -15.74
CA PRO A 417 17.11 26.51 -14.49
C PRO A 417 17.13 27.46 -13.31
N VAL A 418 17.80 28.60 -13.43
CA VAL A 418 17.75 29.64 -12.40
C VAL A 418 16.92 30.83 -12.86
N GLY A 419 17.13 31.27 -14.11
CA GLY A 419 16.48 32.50 -14.55
C GLY A 419 14.99 32.34 -14.75
N PHE A 420 14.56 31.21 -15.31
CA PHE A 420 13.15 31.02 -15.61
C PHE A 420 12.30 31.10 -14.35
N GLY A 421 12.79 30.54 -13.24
CA GLY A 421 12.05 30.63 -12.00
C GLY A 421 11.96 32.06 -11.48
N ARG A 422 13.05 32.82 -11.61
CA ARG A 422 13.05 34.20 -11.10
C ARG A 422 12.02 35.06 -11.83
N ARG A 423 11.96 34.96 -13.16
CA ARG A 423 10.97 35.72 -13.92
C ARG A 423 9.55 35.31 -13.56
N THR A 424 9.35 34.04 -13.20
CA THR A 424 8.02 33.52 -12.91
C THR A 424 7.54 33.92 -11.52
N ASP A 425 8.41 33.78 -10.52
CA ASP A 425 8.04 33.93 -9.12
C ASP A 425 9.19 34.65 -8.42
N PRO A 426 9.22 35.99 -8.52
CA PRO A 426 10.42 36.73 -8.08
C PRO A 426 10.73 36.60 -6.60
N ASN A 427 9.71 36.66 -5.75
CA ASN A 427 9.93 36.54 -4.31
C ASN A 427 10.52 35.18 -3.95
N GLY A 428 10.06 34.12 -4.62
CA GLY A 428 10.45 32.78 -4.27
C GLY A 428 9.45 32.04 -3.43
N ASP A 429 8.20 32.54 -3.35
CA ASP A 429 7.17 31.91 -2.53
C ASP A 429 6.99 30.45 -2.89
N TYR A 430 7.02 30.15 -4.19
CA TYR A 430 6.84 28.78 -4.66
C TYR A 430 7.94 27.87 -4.15
N ILE A 431 9.19 28.35 -4.18
CA ILE A 431 10.29 27.55 -3.69
C ILE A 431 10.21 27.37 -2.18
N ARG A 432 9.74 28.40 -1.47
CA ARG A 432 9.62 28.29 -0.02
C ARG A 432 8.52 27.30 0.37
N ARG A 433 7.47 27.18 -0.45
CA ARG A 433 6.39 26.24 -0.13
C ARG A 433 6.86 24.79 -0.30
N TYR A 434 7.44 24.46 -1.46
CA TYR A 434 7.76 23.07 -1.74
C TYR A 434 9.16 22.68 -1.29
N LEU A 435 9.98 23.64 -0.89
CA LEU A 435 11.31 23.36 -0.32
C LEU A 435 11.51 24.25 0.90
N PRO A 436 10.81 23.97 2.01
CA PRO A 436 10.87 24.88 3.17
C PRO A 436 12.23 24.95 3.86
N VAL A 437 13.18 24.06 3.54
CA VAL A 437 14.51 24.18 4.13
C VAL A 437 15.15 25.50 3.74
N LEU A 438 14.80 26.02 2.57
CA LEU A 438 15.28 27.29 2.08
C LEU A 438 14.34 28.45 2.44
N ARG A 439 13.43 28.23 3.39
CA ARG A 439 12.52 29.29 3.82
C ARG A 439 13.26 30.53 4.31
N GLY A 440 14.46 30.36 4.88
CA GLY A 440 15.19 31.51 5.38
C GLY A 440 15.85 32.32 4.28
N PHE A 441 16.22 31.68 3.18
CA PHE A 441 17.00 32.33 2.15
C PHE A 441 16.22 33.51 1.55
N PRO A 442 16.88 34.64 1.33
CA PRO A 442 16.21 35.80 0.73
C PRO A 442 16.13 35.65 -0.79
N ALA A 443 15.23 36.44 -1.39
CA ALA A 443 14.91 36.31 -2.81
C ALA A 443 16.12 36.44 -3.72
N LYS A 444 17.20 37.12 -3.28
CA LYS A 444 18.39 37.24 -4.09
C LYS A 444 19.15 35.92 -4.22
N TYR A 445 18.94 34.99 -3.29
CA TYR A 445 19.67 33.73 -3.29
C TYR A 445 18.77 32.51 -3.39
N ILE A 446 17.45 32.68 -3.41
CA ILE A 446 16.56 31.52 -3.30
C ILE A 446 16.61 30.64 -4.54
N TYR A 447 16.84 31.20 -5.74
CA TYR A 447 16.90 30.41 -6.96
C TYR A 447 18.29 29.87 -7.25
N ASP A 448 19.33 30.44 -6.65
CA ASP A 448 20.67 29.89 -6.69
C ASP A 448 21.25 30.02 -5.29
N PRO A 449 21.08 29.00 -4.46
CA PRO A 449 21.61 29.08 -3.09
C PRO A 449 23.11 29.07 -3.04
N TRP A 450 23.77 28.33 -3.94
CA TRP A 450 25.23 28.21 -3.89
C TRP A 450 25.90 29.58 -3.95
N ASN A 451 25.38 30.51 -4.76
CA ASN A 451 26.00 31.83 -4.91
C ASN A 451 25.52 32.80 -3.83
N ALA A 452 25.72 32.42 -2.58
CA ALA A 452 25.26 33.25 -1.49
C ALA A 452 26.23 33.13 -0.32
N PRO A 453 26.46 34.23 0.41
CA PRO A 453 27.41 34.20 1.53
C PRO A 453 27.03 33.17 2.58
N GLU A 454 28.07 32.58 3.19
CA GLU A 454 27.86 31.62 4.27
C GLU A 454 27.15 32.26 5.47
N GLY A 455 27.22 33.58 5.60
CA GLY A 455 26.51 34.24 6.67
C GLY A 455 25.01 34.26 6.45
N ILE A 456 24.59 34.61 5.23
CA ILE A 456 23.18 34.56 4.88
C ILE A 456 22.69 33.11 4.91
N GLN A 457 23.56 32.17 4.53
CA GLN A 457 23.25 30.75 4.65
C GLN A 457 22.96 30.37 6.09
N LYS A 458 23.92 30.64 6.99
CA LYS A 458 23.78 30.26 8.39
C LYS A 458 22.57 30.91 9.02
N VAL A 459 22.32 32.20 8.71
CA VAL A 459 21.12 32.86 9.18
C VAL A 459 19.88 32.16 8.61
N ALA A 460 19.92 31.80 7.33
CA ALA A 460 18.81 31.05 6.74
C ALA A 460 18.71 29.65 7.31
N LYS A 461 19.80 29.12 7.86
CA LYS A 461 19.95 27.83 8.52
C LYS A 461 20.00 26.66 7.54
N CYS A 462 20.05 26.91 6.24
CA CYS A 462 20.35 25.87 5.26
C CYS A 462 21.77 26.12 4.73
N LEU A 463 22.67 25.21 5.07
CA LEU A 463 24.02 25.20 4.51
C LEU A 463 24.04 24.26 3.31
N ILE A 464 24.53 24.76 2.16
CA ILE A 464 24.51 23.97 0.93
C ILE A 464 25.53 22.86 1.04
N GLY A 465 25.13 21.65 0.65
CA GLY A 465 25.86 20.44 0.97
C GLY A 465 25.43 19.77 2.26
N VAL A 466 24.77 20.50 3.16
CA VAL A 466 24.39 20.01 4.47
C VAL A 466 22.88 19.88 4.62
N ASN A 467 22.14 20.96 4.37
CA ASN A 467 20.69 20.93 4.47
C ASN A 467 20.00 20.82 3.11
N TYR A 468 20.69 21.14 2.02
CA TYR A 468 20.15 21.03 0.67
C TYR A 468 21.31 20.77 -0.27
N PRO A 469 21.09 20.04 -1.37
CA PRO A 469 22.22 19.63 -2.21
C PRO A 469 22.70 20.76 -3.12
N LYS A 470 23.96 20.63 -3.56
CA LYS A 470 24.55 21.61 -4.45
C LYS A 470 24.18 21.31 -5.90
N PRO A 471 24.23 22.34 -6.77
CA PRO A 471 23.96 22.15 -8.21
C PRO A 471 24.63 20.91 -8.79
N MET A 472 23.86 20.09 -9.51
CA MET A 472 24.40 18.83 -10.02
C MET A 472 25.22 19.00 -11.28
N VAL A 473 25.05 20.10 -12.01
CA VAL A 473 25.87 20.43 -13.17
C VAL A 473 26.10 21.93 -13.20
N ASN A 474 27.03 22.36 -14.05
CA ASN A 474 27.18 23.77 -14.41
C ASN A 474 26.33 24.02 -15.65
N HIS A 475 25.25 24.77 -15.48
CA HIS A 475 24.29 24.92 -16.57
C HIS A 475 24.95 25.53 -17.80
N ALA A 476 25.75 26.58 -17.59
CA ALA A 476 26.45 27.21 -18.70
C ALA A 476 27.31 26.19 -19.45
N GLU A 477 28.09 25.41 -18.72
CA GLU A 477 28.93 24.41 -19.38
C GLU A 477 28.09 23.34 -20.06
N ALA A 478 27.15 22.74 -19.31
CA ALA A 478 26.37 21.63 -19.87
C ALA A 478 25.50 22.09 -21.03
N SER A 479 24.76 23.18 -20.87
CA SER A 479 23.83 23.59 -21.90
C SER A 479 24.56 23.97 -23.19
N ARG A 480 25.68 24.68 -23.08
CA ARG A 480 26.45 25.02 -24.27
C ARG A 480 26.84 23.76 -25.03
N LEU A 481 27.35 22.75 -24.33
CA LEU A 481 27.75 21.51 -24.97
C LEU A 481 26.56 20.78 -25.55
N ASN A 482 25.45 20.72 -24.80
CA ASN A 482 24.26 20.08 -25.32
C ASN A 482 23.65 20.85 -26.48
N ILE A 483 23.74 22.18 -26.46
CA ILE A 483 23.28 22.94 -27.62
C ILE A 483 24.14 22.60 -28.84
N GLU A 484 25.45 22.48 -28.64
CA GLU A 484 26.35 22.06 -29.72
C GLU A 484 26.01 20.66 -30.22
N ARG A 485 25.77 19.71 -29.30
CA ARG A 485 25.34 18.38 -29.70
C ARG A 485 24.09 18.43 -30.58
N MET A 486 23.10 19.25 -30.20
CA MET A 486 21.85 19.30 -30.94
C MET A 486 22.05 19.82 -32.35
N LYS A 487 22.80 20.92 -32.50
CA LYS A 487 23.04 21.45 -33.84
C LYS A 487 23.76 20.44 -34.71
N GLN A 488 24.67 19.68 -34.12
CA GLN A 488 25.36 18.62 -34.87
C GLN A 488 24.37 17.58 -35.37
N ILE A 489 23.46 17.13 -34.50
CA ILE A 489 22.56 16.03 -34.86
C ILE A 489 21.70 16.41 -36.05
N TYR A 490 21.08 17.60 -36.01
CA TYR A 490 20.23 18.04 -37.10
C TYR A 490 20.99 18.10 -38.42
N GLN A 491 22.24 18.58 -38.38
CA GLN A 491 22.99 18.78 -39.62
C GLN A 491 23.24 17.46 -40.34
N GLN A 492 23.51 16.39 -39.59
CA GLN A 492 23.76 15.09 -40.22
C GLN A 492 22.53 14.60 -40.96
N LEU A 493 21.34 14.99 -40.51
CA LEU A 493 20.10 14.61 -41.19
C LEU A 493 19.82 15.48 -42.41
N SER A 494 20.28 16.72 -42.40
CA SER A 494 20.05 17.63 -43.52
C SER A 494 21.25 17.64 -44.45
N GLY B 4 -11.32 -36.15 47.17
CA GLY B 4 -12.19 -35.02 46.90
C GLY B 4 -12.17 -34.59 45.45
N VAL B 5 -12.56 -33.34 45.18
CA VAL B 5 -12.53 -32.77 43.84
C VAL B 5 -11.22 -32.00 43.67
N ASN B 6 -10.29 -32.57 42.92
CA ASN B 6 -8.96 -31.99 42.71
C ASN B 6 -8.86 -31.54 41.27
N ALA B 7 -8.69 -30.23 41.08
CA ALA B 7 -8.77 -29.58 39.79
C ALA B 7 -7.40 -29.08 39.35
N VAL B 8 -7.16 -29.12 38.05
CA VAL B 8 -5.93 -28.63 37.43
C VAL B 8 -6.30 -27.70 36.30
N HIS B 9 -5.72 -26.51 36.28
CA HIS B 9 -5.82 -25.64 35.12
C HIS B 9 -4.49 -25.63 34.37
N TRP B 10 -4.54 -25.90 33.07
CA TRP B 10 -3.37 -26.04 32.22
C TRP B 10 -3.22 -24.74 31.42
N PHE B 11 -2.20 -23.95 31.78
CA PHE B 11 -1.85 -22.74 31.04
C PHE B 11 -1.01 -23.09 29.82
N ARG B 12 -1.37 -22.54 28.66
CA ARG B 12 -0.51 -22.60 27.47
C ARG B 12 -0.42 -21.19 26.90
N LYS B 13 -1.48 -20.74 26.23
CA LYS B 13 -1.72 -19.33 26.05
C LYS B 13 -2.58 -18.87 27.22
N GLY B 14 -3.22 -17.70 27.12
CA GLY B 14 -4.10 -17.23 28.19
C GLY B 14 -3.38 -17.14 29.51
N LEU B 15 -2.19 -16.53 29.51
CA LEU B 15 -1.37 -16.47 30.74
C LEU B 15 -1.82 -15.26 31.56
N ARG B 16 -3.00 -15.39 32.14
CA ARG B 16 -3.58 -14.31 32.93
C ARG B 16 -4.57 -14.91 33.92
N LEU B 17 -4.90 -14.14 34.94
CA LEU B 17 -5.97 -14.49 35.86
C LEU B 17 -7.28 -13.79 35.54
N HIS B 18 -7.26 -12.69 34.79
CA HIS B 18 -8.49 -12.04 34.37
C HIS B 18 -9.02 -12.66 33.08
N ASP B 19 -10.34 -12.61 32.91
CA ASP B 19 -11.02 -13.15 31.74
C ASP B 19 -10.48 -14.53 31.38
N ASN B 20 -10.58 -15.42 32.35
CA ASN B 20 -10.11 -16.80 32.23
C ASN B 20 -11.29 -17.69 32.59
N PRO B 21 -12.27 -17.82 31.70
CA PRO B 21 -13.45 -18.63 32.04
C PRO B 21 -13.15 -20.09 32.27
N ALA B 22 -12.11 -20.64 31.64
CA ALA B 22 -11.80 -22.04 31.92
C ALA B 22 -11.32 -22.22 33.36
N LEU B 23 -10.49 -21.29 33.84
CA LEU B 23 -9.99 -21.38 35.21
C LEU B 23 -11.10 -21.12 36.22
N LYS B 24 -11.96 -20.15 35.94
CA LYS B 24 -13.06 -19.85 36.85
C LYS B 24 -14.03 -21.03 36.96
N GLU B 25 -14.31 -21.71 35.85
CA GLU B 25 -15.27 -22.80 35.94
C GLU B 25 -14.66 -24.03 36.59
N CYS B 26 -13.34 -24.22 36.41
CA CYS B 26 -12.59 -25.33 36.99
C CYS B 26 -12.50 -25.22 38.52
N ILE B 27 -12.40 -24.00 39.03
CA ILE B 27 -12.38 -23.76 40.47
C ILE B 27 -13.74 -24.05 41.12
N GLN B 28 -14.83 -23.93 40.37
CA GLN B 28 -16.17 -24.12 40.92
C GLN B 28 -16.34 -25.54 41.43
N GLY B 29 -16.69 -25.67 42.70
CA GLY B 29 -16.90 -26.97 43.29
C GLY B 29 -15.63 -27.74 43.60
N ALA B 30 -14.46 -27.12 43.52
CA ALA B 30 -13.21 -27.85 43.67
C ALA B 30 -12.67 -27.72 45.09
N ASP B 31 -12.09 -28.82 45.60
CA ASP B 31 -11.44 -28.80 46.91
C ASP B 31 -9.99 -28.31 46.82
N THR B 32 -9.28 -28.70 45.76
CA THR B 32 -7.93 -28.23 45.49
C THR B 32 -7.85 -27.73 44.05
N ILE B 33 -6.94 -26.78 43.81
CA ILE B 33 -6.64 -26.30 42.47
C ILE B 33 -5.13 -26.24 42.30
N ARG B 34 -4.64 -26.70 41.16
CA ARG B 34 -3.23 -26.50 40.79
C ARG B 34 -3.17 -25.99 39.35
N CYS B 35 -2.50 -24.87 39.17
CA CYS B 35 -2.29 -24.29 37.85
C CYS B 35 -0.95 -24.79 37.31
N VAL B 36 -0.96 -25.40 36.14
CA VAL B 36 0.28 -25.98 35.63
C VAL B 36 0.66 -25.30 34.33
N TYR B 37 1.96 -25.20 34.10
CA TYR B 37 2.48 -24.90 32.77
C TYR B 37 3.47 -26.01 32.43
N ILE B 38 3.34 -26.60 31.25
CA ILE B 38 4.19 -27.72 30.87
C ILE B 38 5.15 -27.24 29.79
N LEU B 39 6.44 -27.18 30.14
CA LEU B 39 7.50 -26.86 29.19
C LEU B 39 7.76 -28.06 28.30
N ASP B 40 7.36 -27.97 27.04
CA ASP B 40 7.42 -29.11 26.16
C ASP B 40 8.74 -29.13 25.41
N PRO B 41 9.56 -30.17 25.56
CA PRO B 41 10.84 -30.25 24.82
C PRO B 41 10.67 -30.40 23.31
N TRP B 42 9.43 -30.47 22.82
CA TRP B 42 9.16 -30.28 21.40
C TRP B 42 9.74 -28.96 20.92
N PHE B 43 9.31 -27.87 21.55
CA PHE B 43 9.90 -26.55 21.32
C PHE B 43 11.27 -26.53 21.99
N ALA B 44 12.32 -26.68 21.18
CA ALA B 44 13.70 -26.73 21.65
C ALA B 44 14.62 -26.75 20.42
N GLY B 45 15.89 -26.45 20.66
CA GLY B 45 16.87 -26.38 19.59
C GLY B 45 17.10 -24.98 19.04
N SER B 46 16.38 -23.99 19.56
CA SER B 46 16.62 -22.61 19.17
C SER B 46 18.01 -22.17 19.60
N SER B 47 18.63 -21.30 18.81
CA SER B 47 19.92 -20.75 19.19
C SER B 47 19.69 -19.50 20.04
N ASN B 48 20.76 -18.78 20.37
CA ASN B 48 20.66 -17.58 21.21
C ASN B 48 19.84 -16.48 20.56
N VAL B 49 19.51 -16.58 19.28
CA VAL B 49 18.74 -15.55 18.61
C VAL B 49 17.29 -15.56 19.08
N GLY B 50 16.80 -16.71 19.58
CA GLY B 50 15.41 -16.85 20.00
C GLY B 50 15.18 -16.54 21.46
N ILE B 51 16.10 -15.78 22.04
CA ILE B 51 16.06 -15.52 23.48
C ILE B 51 14.89 -14.61 23.87
N ASN B 52 14.46 -13.70 23.00
CA ASN B 52 13.45 -12.72 23.42
C ASN B 52 12.10 -13.39 23.67
N ARG B 53 11.73 -14.36 22.83
CA ARG B 53 10.51 -15.14 23.05
C ARG B 53 10.58 -15.88 24.38
N TRP B 54 11.67 -16.59 24.62
CA TRP B 54 11.82 -17.35 25.84
C TRP B 54 11.79 -16.45 27.06
N ARG B 55 12.54 -15.34 27.02
CA ARG B 55 12.53 -14.40 28.14
C ARG B 55 11.14 -13.87 28.40
N PHE B 56 10.40 -13.53 27.34
CA PHE B 56 9.03 -13.06 27.51
C PHE B 56 8.17 -14.13 28.16
N LEU B 57 8.27 -15.36 27.66
CA LEU B 57 7.48 -16.45 28.23
C LEU B 57 7.80 -16.64 29.71
N LEU B 58 9.09 -16.70 30.05
CA LEU B 58 9.47 -16.91 31.46
C LEU B 58 8.98 -15.78 32.35
N GLN B 59 9.07 -14.54 31.88
CA GLN B 59 8.54 -13.42 32.64
C GLN B 59 7.02 -13.50 32.81
N CYS B 60 6.31 -14.06 31.82
CA CYS B 60 4.88 -14.33 31.96
C CYS B 60 4.62 -15.33 33.07
N LEU B 61 5.38 -16.42 33.06
CA LEU B 61 5.22 -17.44 34.08
C LEU B 61 5.58 -16.88 35.46
N GLU B 62 6.63 -16.06 35.55
CA GLU B 62 7.00 -15.44 36.81
C GLU B 62 5.87 -14.56 37.35
N ASP B 63 5.23 -13.81 36.45
CA ASP B 63 4.12 -12.95 36.83
C ASP B 63 2.93 -13.78 37.29
N LEU B 64 2.61 -14.85 36.56
CA LEU B 64 1.52 -15.74 36.98
C LEU B 64 1.80 -16.33 38.35
N ASP B 65 3.02 -16.83 38.56
CA ASP B 65 3.36 -17.40 39.87
C ASP B 65 3.22 -16.36 40.97
N ALA B 66 3.62 -15.12 40.69
CA ALA B 66 3.54 -14.09 41.72
C ALA B 66 2.09 -13.72 42.00
N ASN B 67 1.26 -13.67 40.96
CA ASN B 67 -0.15 -13.37 41.18
C ASN B 67 -0.86 -14.53 41.86
N LEU B 68 -0.53 -15.77 41.49
CA LEU B 68 -1.06 -16.92 42.22
C LEU B 68 -0.65 -16.91 43.68
N ARG B 69 0.54 -16.39 43.99
CA ARG B 69 1.01 -16.38 45.37
C ARG B 69 0.20 -15.44 46.22
N LYS B 70 -0.35 -14.38 45.61
CA LYS B 70 -1.29 -13.50 46.32
C LYS B 70 -2.60 -14.18 46.61
N LEU B 71 -2.87 -15.31 45.95
CA LEU B 71 -4.01 -16.16 46.22
C LEU B 71 -3.63 -17.36 47.07
N ASN B 72 -2.43 -17.33 47.65
CA ASN B 72 -1.90 -18.46 48.42
C ASN B 72 -1.79 -19.72 47.58
N SER B 73 -1.55 -19.56 46.29
CA SER B 73 -1.31 -20.66 45.38
C SER B 73 0.10 -20.51 44.78
N ARG B 74 0.41 -21.41 43.86
CA ARG B 74 1.67 -21.38 43.11
C ARG B 74 1.39 -21.82 41.69
N LEU B 75 2.30 -21.43 40.79
CA LEU B 75 2.32 -22.00 39.44
C LEU B 75 3.22 -23.24 39.46
N PHE B 76 2.71 -24.34 38.92
CA PHE B 76 3.51 -25.56 38.77
C PHE B 76 4.05 -25.59 37.35
N VAL B 77 5.37 -25.50 37.20
CA VAL B 77 6.00 -25.62 35.89
C VAL B 77 6.61 -27.00 35.83
N ILE B 78 6.18 -27.78 34.85
CA ILE B 78 6.60 -29.17 34.69
C ILE B 78 7.26 -29.30 33.33
N ARG B 79 8.36 -30.02 33.28
CA ARG B 79 9.12 -30.18 32.06
C ARG B 79 8.88 -31.57 31.48
N GLY B 80 8.49 -31.62 30.22
CA GLY B 80 8.22 -32.88 29.54
C GLY B 80 7.07 -32.76 28.57
N GLN B 81 6.73 -33.86 27.89
CA GLN B 81 5.61 -33.77 26.96
C GLN B 81 4.28 -33.97 27.67
N PRO B 82 3.27 -33.16 27.33
CA PRO B 82 1.95 -33.35 27.98
C PRO B 82 1.44 -34.78 27.99
N ALA B 83 1.60 -35.52 26.89
CA ALA B 83 1.12 -36.90 26.83
C ALA B 83 1.84 -37.79 27.84
N ASP B 84 3.13 -37.56 28.09
CA ASP B 84 3.82 -38.33 29.11
C ASP B 84 3.55 -37.79 30.51
N VAL B 85 3.38 -36.47 30.63
CA VAL B 85 3.29 -35.83 31.93
C VAL B 85 1.93 -36.06 32.58
N PHE B 86 0.82 -35.85 31.83
CA PHE B 86 -0.51 -35.78 32.42
C PHE B 86 -0.99 -37.09 33.05
N PRO B 87 -0.71 -38.27 32.47
CA PRO B 87 -1.12 -39.51 33.18
C PRO B 87 -0.47 -39.68 34.53
N ARG B 88 0.78 -39.21 34.73
CA ARG B 88 1.39 -39.29 36.04
C ARG B 88 0.77 -38.29 37.00
N LEU B 89 0.54 -37.07 36.52
CA LEU B 89 -0.11 -36.04 37.33
C LEU B 89 -1.49 -36.51 37.80
N PHE B 90 -2.28 -37.10 36.89
CA PHE B 90 -3.62 -37.53 37.26
C PHE B 90 -3.56 -38.50 38.43
N LYS B 91 -2.68 -39.49 38.35
CA LYS B 91 -2.58 -40.48 39.42
C LYS B 91 -2.03 -39.85 40.70
N GLU B 92 -0.93 -39.10 40.61
CA GLU B 92 -0.25 -38.64 41.82
C GLU B 92 -1.07 -37.60 42.58
N TRP B 93 -1.76 -36.72 41.87
CA TRP B 93 -2.56 -35.69 42.50
C TRP B 93 -4.01 -36.09 42.67
N ASN B 94 -4.41 -37.28 42.20
CA ASN B 94 -5.79 -37.74 42.24
C ASN B 94 -6.75 -36.75 41.58
N ILE B 95 -6.44 -36.38 40.33
CA ILE B 95 -7.16 -35.29 39.68
C ILE B 95 -8.52 -35.77 39.20
N THR B 96 -9.54 -34.90 39.32
CA THR B 96 -10.85 -35.18 38.75
C THR B 96 -11.24 -34.24 37.62
N LYS B 97 -10.68 -33.03 37.55
CA LYS B 97 -11.03 -32.08 36.50
C LYS B 97 -9.78 -31.40 35.97
N LEU B 98 -9.75 -31.23 34.64
CA LEU B 98 -8.68 -30.55 33.91
C LEU B 98 -9.31 -29.48 33.03
N SER B 99 -8.77 -28.26 33.08
CA SER B 99 -9.29 -27.16 32.29
C SER B 99 -8.20 -26.57 31.39
N ILE B 100 -8.62 -26.12 30.20
CA ILE B 100 -7.78 -25.42 29.23
C ILE B 100 -8.60 -24.34 28.56
N GLU B 101 -7.93 -23.24 28.20
CA GLU B 101 -8.45 -22.31 27.21
C GLU B 101 -8.32 -22.94 25.83
N TYR B 102 -9.39 -22.87 25.04
CA TYR B 102 -9.42 -23.50 23.73
C TYR B 102 -8.27 -22.97 22.87
N ASP B 103 -7.60 -23.88 22.16
CA ASP B 103 -6.56 -23.52 21.21
C ASP B 103 -7.02 -23.99 19.84
N SER B 104 -7.11 -23.05 18.90
CA SER B 104 -7.70 -23.33 17.60
C SER B 104 -6.69 -23.81 16.57
N GLU B 105 -5.40 -23.60 16.80
CA GLU B 105 -4.40 -23.98 15.82
C GLU B 105 -4.34 -25.50 15.69
N PRO B 106 -4.13 -26.00 14.47
CA PRO B 106 -4.30 -27.46 14.22
C PRO B 106 -3.49 -28.37 15.12
N PHE B 107 -2.21 -28.05 15.37
CA PHE B 107 -1.39 -28.93 16.20
C PHE B 107 -1.76 -28.82 17.68
N GLY B 108 -2.26 -27.66 18.11
CA GLY B 108 -2.84 -27.57 19.44
C GLY B 108 -4.10 -28.40 19.56
N LYS B 109 -4.93 -28.37 18.52
CA LYS B 109 -6.13 -29.22 18.50
C LYS B 109 -5.74 -30.69 18.54
N GLU B 110 -4.69 -31.05 17.80
CA GLU B 110 -4.21 -32.43 17.81
C GLU B 110 -3.71 -32.82 19.20
N ARG B 111 -2.79 -32.03 19.76
CA ARG B 111 -2.33 -32.24 21.14
C ARG B 111 -3.49 -32.37 22.11
N ASP B 112 -4.43 -31.43 22.07
CA ASP B 112 -5.51 -31.44 23.06
C ASP B 112 -6.44 -32.63 22.87
N ALA B 113 -6.68 -33.06 21.64
CA ALA B 113 -7.49 -34.27 21.43
C ALA B 113 -6.83 -35.48 22.06
N ALA B 114 -5.50 -35.59 21.96
CA ALA B 114 -4.78 -36.71 22.57
C ALA B 114 -4.84 -36.65 24.10
N ILE B 115 -4.76 -35.44 24.66
CA ILE B 115 -4.79 -35.28 26.10
C ILE B 115 -6.18 -35.57 26.64
N LYS B 116 -7.23 -35.21 25.88
CA LYS B 116 -8.58 -35.58 26.27
C LYS B 116 -8.76 -37.09 26.32
N LYS B 117 -8.19 -37.82 25.36
CA LYS B 117 -8.28 -39.28 25.42
C LYS B 117 -7.62 -39.82 26.68
N LEU B 118 -6.48 -39.23 27.08
CA LEU B 118 -5.79 -39.68 28.28
C LEU B 118 -6.55 -39.28 29.53
N ALA B 119 -7.18 -38.11 29.51
CA ALA B 119 -8.04 -37.71 30.61
C ALA B 119 -9.21 -38.65 30.78
N THR B 120 -9.85 -39.04 29.67
CA THR B 120 -10.93 -40.03 29.73
C THR B 120 -10.44 -41.34 30.35
N GLU B 121 -9.24 -41.77 29.98
CA GLU B 121 -8.70 -43.03 30.46
C GLU B 121 -8.48 -42.97 31.97
N ALA B 122 -8.17 -41.79 32.49
CA ALA B 122 -7.92 -41.60 33.91
C ALA B 122 -9.18 -41.23 34.68
N GLY B 123 -10.32 -41.06 34.00
CA GLY B 123 -11.53 -40.63 34.67
C GLY B 123 -11.55 -39.16 35.04
N VAL B 124 -10.90 -38.31 34.27
CA VAL B 124 -10.78 -36.87 34.51
C VAL B 124 -11.72 -36.15 33.54
N GLU B 125 -12.58 -35.27 34.07
CA GLU B 125 -13.43 -34.45 33.22
C GLU B 125 -12.61 -33.30 32.63
N VAL B 126 -12.91 -32.93 31.38
CA VAL B 126 -12.17 -31.89 30.67
C VAL B 126 -13.07 -30.71 30.41
N ILE B 127 -12.64 -29.53 30.87
CA ILE B 127 -13.33 -28.25 30.69
C ILE B 127 -12.56 -27.44 29.65
N VAL B 128 -13.24 -27.07 28.57
CA VAL B 128 -12.67 -26.25 27.50
C VAL B 128 -13.52 -25.00 27.36
N ARG B 129 -12.87 -23.83 27.33
CA ARG B 129 -13.57 -22.56 27.17
C ARG B 129 -12.80 -21.67 26.21
N ILE B 130 -13.53 -20.89 25.40
CA ILE B 130 -12.92 -20.00 24.43
C ILE B 130 -12.58 -18.67 25.10
N SER B 131 -11.33 -18.23 24.99
CA SER B 131 -10.99 -16.91 25.51
C SER B 131 -9.71 -16.35 24.92
N HIS B 132 -9.19 -16.95 23.86
CA HIS B 132 -8.07 -16.35 23.16
C HIS B 132 -8.53 -15.46 22.00
N THR B 133 -9.74 -15.68 21.48
CA THR B 133 -10.29 -14.92 20.37
C THR B 133 -11.60 -14.25 20.79
N LEU B 134 -12.00 -13.23 20.02
CA LEU B 134 -13.27 -12.56 20.25
C LEU B 134 -14.46 -13.46 19.97
N TYR B 135 -14.34 -14.39 19.03
CA TYR B 135 -15.49 -15.15 18.56
C TYR B 135 -15.21 -16.63 18.68
N ASP B 136 -16.29 -17.39 18.57
CA ASP B 136 -16.24 -18.83 18.33
C ASP B 136 -15.89 -19.05 16.86
N LEU B 137 -14.64 -19.45 16.60
CA LEU B 137 -14.21 -19.57 15.21
C LEU B 137 -15.01 -20.66 14.47
N ASP B 138 -15.33 -21.76 15.15
CA ASP B 138 -16.06 -22.83 14.49
C ASP B 138 -17.46 -22.39 14.09
N LYS B 139 -18.10 -21.52 14.89
CA LYS B 139 -19.38 -20.98 14.48
C LYS B 139 -19.23 -20.11 13.24
N ILE B 140 -18.13 -19.36 13.14
CA ILE B 140 -17.89 -18.59 11.93
C ILE B 140 -17.81 -19.50 10.73
N ILE B 141 -17.03 -20.58 10.86
CA ILE B 141 -16.90 -21.54 9.77
C ILE B 141 -18.24 -22.16 9.44
N GLU B 142 -19.04 -22.50 10.46
CA GLU B 142 -20.35 -23.11 10.22
C GLU B 142 -21.28 -22.13 9.52
N LEU B 143 -21.25 -20.86 9.93
CA LEU B 143 -22.11 -19.88 9.27
C LEU B 143 -21.74 -19.70 7.81
N ASN B 144 -20.49 -20.01 7.45
CA ASN B 144 -20.01 -19.89 6.09
C ASN B 144 -20.16 -21.19 5.30
N GLY B 145 -21.00 -22.10 5.78
CA GLY B 145 -21.24 -23.33 5.06
C GLY B 145 -20.21 -24.41 5.27
N GLY B 146 -19.43 -24.33 6.35
CA GLY B 146 -18.47 -25.36 6.68
C GLY B 146 -17.06 -25.12 6.20
N GLN B 147 -16.80 -24.01 5.52
CA GLN B 147 -15.45 -23.70 5.07
C GLN B 147 -15.02 -22.33 5.58
N PRO B 148 -13.76 -22.15 5.94
CA PRO B 148 -13.30 -20.86 6.47
C PRO B 148 -13.44 -19.77 5.43
N PRO B 149 -13.78 -18.55 5.84
CA PRO B 149 -13.88 -17.45 4.86
C PRO B 149 -12.58 -17.31 4.10
N LEU B 150 -12.69 -17.10 2.80
CA LEU B 150 -11.48 -16.99 1.98
C LEU B 150 -10.91 -15.59 1.97
N THR B 151 -11.73 -14.57 2.24
CA THR B 151 -11.30 -13.19 2.20
C THR B 151 -11.68 -12.49 3.49
N TYR B 152 -10.92 -11.45 3.81
CA TYR B 152 -11.19 -10.62 4.98
C TYR B 152 -12.54 -9.93 4.89
N LYS B 153 -12.97 -9.54 3.68
CA LYS B 153 -14.28 -8.92 3.50
C LYS B 153 -15.39 -9.93 3.81
N ARG B 154 -15.23 -11.16 3.35
CA ARG B 154 -16.16 -12.22 3.70
C ARG B 154 -16.20 -12.44 5.20
N PHE B 155 -15.02 -12.43 5.84
CA PHE B 155 -14.93 -12.59 7.28
C PHE B 155 -15.67 -11.47 8.00
N GLN B 156 -15.41 -10.22 7.59
CA GLN B 156 -16.11 -9.07 8.17
C GLN B 156 -17.62 -9.25 8.08
N THR B 157 -18.10 -9.70 6.93
CA THR B 157 -19.53 -9.87 6.74
C THR B 157 -20.08 -10.96 7.64
N LEU B 158 -19.37 -12.07 7.77
CA LEU B 158 -19.79 -13.14 8.66
C LEU B 158 -19.85 -12.64 10.10
N VAL B 159 -18.81 -11.94 10.54
CA VAL B 159 -18.73 -11.46 11.92
C VAL B 159 -19.85 -10.46 12.22
N SER B 160 -20.29 -9.70 11.22
CA SER B 160 -21.33 -8.69 11.43
C SER B 160 -22.66 -9.31 11.83
N LYS B 161 -22.92 -10.56 11.43
CA LYS B 161 -24.18 -11.24 11.75
C LYS B 161 -24.11 -12.05 13.03
N MET B 162 -22.93 -12.25 13.60
CA MET B 162 -22.82 -13.20 14.69
C MET B 162 -23.15 -12.54 16.02
N GLU B 163 -23.56 -13.39 16.97
CA GLU B 163 -24.07 -12.91 18.25
C GLU B 163 -23.04 -12.04 18.94
N PRO B 164 -23.46 -10.98 19.63
CA PRO B 164 -22.51 -10.09 20.29
C PRO B 164 -21.48 -10.85 21.11
N LEU B 165 -20.20 -10.51 20.91
CA LEU B 165 -19.10 -11.24 21.53
C LEU B 165 -19.29 -11.34 23.04
N GLU B 166 -18.94 -12.50 23.59
CA GLU B 166 -19.23 -12.76 25.00
C GLU B 166 -18.41 -11.85 25.90
N MET B 167 -19.03 -11.37 26.98
CA MET B 167 -18.35 -10.46 27.89
C MET B 167 -17.34 -11.24 28.76
N PRO B 168 -16.30 -10.57 29.24
CA PRO B 168 -15.26 -11.29 29.98
C PRO B 168 -15.74 -11.81 31.33
N ALA B 169 -15.09 -12.88 31.79
CA ALA B 169 -15.38 -13.44 33.10
C ALA B 169 -14.67 -12.63 34.18
N ASP B 170 -15.22 -12.69 35.40
CA ASP B 170 -14.65 -11.94 36.51
C ASP B 170 -13.26 -12.46 36.85
N THR B 171 -12.39 -11.55 37.30
CA THR B 171 -11.04 -11.93 37.68
C THR B 171 -11.07 -12.93 38.83
N ILE B 172 -10.07 -13.81 38.86
CA ILE B 172 -9.95 -14.78 39.94
C ILE B 172 -9.48 -14.04 41.18
N THR B 173 -10.21 -14.17 42.27
CA THR B 173 -10.03 -13.32 43.43
C THR B 173 -9.79 -14.14 44.68
N SER B 174 -9.67 -13.44 45.81
CA SER B 174 -9.85 -14.08 47.09
C SER B 174 -11.23 -14.73 47.17
N ASP B 175 -12.25 -14.06 46.64
CA ASP B 175 -13.62 -14.54 46.77
C ASP B 175 -13.90 -15.71 45.83
N VAL B 176 -13.36 -15.66 44.61
CA VAL B 176 -13.59 -16.73 43.65
C VAL B 176 -13.00 -18.04 44.15
N ILE B 177 -11.82 -17.99 44.76
CA ILE B 177 -11.15 -19.19 45.23
C ILE B 177 -11.90 -19.80 46.41
N GLY B 178 -12.29 -18.99 47.38
CA GLY B 178 -13.08 -19.49 48.49
C GLY B 178 -12.25 -20.41 49.38
N LYS B 179 -12.81 -21.59 49.68
CA LYS B 179 -12.11 -22.61 50.45
C LYS B 179 -11.38 -23.61 49.55
N CYS B 180 -11.13 -23.24 48.29
CA CYS B 180 -10.28 -24.02 47.42
C CYS B 180 -8.82 -23.73 47.76
N MET B 181 -8.01 -24.78 47.75
CA MET B 181 -6.69 -24.72 48.37
C MET B 181 -5.68 -25.30 47.38
N THR B 182 -4.41 -25.01 47.63
CA THR B 182 -3.34 -25.59 46.82
C THR B 182 -2.38 -26.34 47.71
N PRO B 183 -2.39 -27.67 47.69
CA PRO B 183 -1.44 -28.44 48.52
C PRO B 183 -0.02 -28.28 47.98
N LEU B 184 0.91 -27.99 48.89
CA LEU B 184 2.28 -27.65 48.54
C LEU B 184 3.26 -28.52 49.30
N SER B 185 4.24 -29.06 48.58
CA SER B 185 5.35 -29.79 49.18
C SER B 185 6.47 -28.85 49.61
N ASP B 186 7.36 -29.36 50.46
CA ASP B 186 8.46 -28.56 51.01
C ASP B 186 9.39 -28.08 49.91
N ASP B 187 9.63 -28.93 48.91
CA ASP B 187 10.57 -28.69 47.82
C ASP B 187 9.84 -28.20 46.57
N HIS B 188 8.75 -27.45 46.73
CA HIS B 188 7.97 -27.02 45.57
C HIS B 188 8.82 -26.21 44.59
N ASP B 189 9.56 -25.22 45.10
CA ASP B 189 10.33 -24.35 44.23
C ASP B 189 11.41 -25.13 43.49
N GLU B 190 12.00 -26.12 44.15
CA GLU B 190 13.04 -26.94 43.54
C GLU B 190 12.47 -27.84 42.44
N LYS B 191 11.25 -28.34 42.63
CA LYS B 191 10.68 -29.30 41.69
C LYS B 191 9.79 -28.64 40.65
N TYR B 192 9.19 -27.49 40.94
CA TYR B 192 8.22 -26.90 40.02
C TYR B 192 8.46 -25.43 39.75
N GLY B 193 9.64 -24.89 40.10
CA GLY B 193 9.87 -23.48 39.93
C GLY B 193 9.95 -23.06 38.47
N VAL B 194 9.71 -21.79 38.23
CA VAL B 194 9.88 -21.28 36.86
C VAL B 194 11.36 -21.33 36.52
N PRO B 195 11.74 -21.86 35.37
CA PRO B 195 13.16 -21.93 35.02
C PRO B 195 13.72 -20.55 34.71
N SER B 196 15.03 -20.44 34.83
CA SER B 196 15.77 -19.28 34.35
C SER B 196 16.18 -19.49 32.90
N LEU B 197 16.61 -18.41 32.27
CA LEU B 197 17.08 -18.50 30.89
C LEU B 197 18.31 -19.38 30.77
N GLU B 198 19.21 -19.27 31.75
CA GLU B 198 20.41 -20.09 31.78
C GLU B 198 20.06 -21.58 31.78
N GLU B 199 19.07 -21.97 32.60
CA GLU B 199 18.66 -23.37 32.67
C GLU B 199 18.14 -23.89 31.34
N LEU B 200 17.57 -23.02 30.51
CA LEU B 200 17.20 -23.45 29.18
C LEU B 200 18.37 -23.42 28.21
N GLY B 201 19.53 -22.95 28.66
CA GLY B 201 20.71 -22.95 27.84
C GLY B 201 21.10 -21.62 27.24
N PHE B 202 20.37 -20.54 27.50
CA PHE B 202 20.64 -19.28 26.86
C PHE B 202 21.71 -18.48 27.59
N ASP B 203 22.58 -17.83 26.81
CA ASP B 203 23.59 -16.92 27.35
C ASP B 203 22.93 -15.58 27.66
N THR B 204 23.05 -15.14 28.91
CA THR B 204 22.44 -13.89 29.35
C THR B 204 23.44 -12.87 29.85
N ASP B 205 24.74 -13.16 29.76
CA ASP B 205 25.73 -12.22 30.28
C ASP B 205 25.71 -10.90 29.52
N GLY B 206 25.60 -10.97 28.20
CA GLY B 206 25.39 -9.77 27.42
C GLY B 206 23.92 -9.56 27.13
N LEU B 207 23.15 -9.11 28.13
CA LEU B 207 21.71 -8.98 27.99
C LEU B 207 21.21 -7.77 28.77
N SER B 208 20.71 -6.78 28.06
CA SER B 208 20.04 -5.64 28.67
C SER B 208 18.69 -6.09 29.28
N SER B 209 18.03 -5.16 29.95
CA SER B 209 16.69 -5.43 30.45
C SER B 209 15.68 -5.31 29.31
N ALA B 210 14.63 -6.14 29.36
CA ALA B 210 13.74 -6.27 28.21
C ALA B 210 13.05 -4.96 27.86
N VAL B 211 12.96 -4.69 26.56
CA VAL B 211 12.10 -3.60 26.10
C VAL B 211 10.62 -3.97 26.28
N TRP B 212 10.29 -5.26 26.18
CA TRP B 212 8.93 -5.77 26.33
C TRP B 212 8.87 -6.73 27.51
N PRO B 213 8.72 -6.24 28.73
CA PRO B 213 8.65 -7.14 29.89
C PRO B 213 7.37 -7.96 29.85
N GLY B 214 7.49 -9.27 30.11
CA GLY B 214 6.33 -10.14 30.01
C GLY B 214 5.36 -10.03 31.18
N GLY B 215 4.17 -10.59 30.98
CA GLY B 215 3.26 -10.79 32.11
C GLY B 215 1.99 -9.96 32.15
N GLU B 216 0.99 -10.49 32.84
CA GLU B 216 -0.32 -9.85 32.95
C GLU B 216 -0.24 -8.50 33.67
N THR B 217 0.63 -8.40 34.68
CA THR B 217 0.77 -7.15 35.44
C THR B 217 1.30 -6.03 34.55
N GLU B 218 2.32 -6.32 33.75
CA GLU B 218 2.79 -5.34 32.79
C GLU B 218 1.68 -4.98 31.79
N ALA B 219 0.92 -5.97 31.34
CA ALA B 219 -0.09 -5.73 30.31
C ALA B 219 -1.23 -4.86 30.85
N LEU B 220 -1.73 -5.16 32.05
CA LEU B 220 -2.83 -4.37 32.61
C LEU B 220 -2.38 -2.94 32.91
N THR B 221 -1.11 -2.77 33.31
CA THR B 221 -0.58 -1.42 33.48
C THR B 221 -0.50 -0.69 32.15
N ARG B 222 -0.01 -1.38 31.11
CA ARG B 222 0.05 -0.74 29.79
C ARG B 222 -1.34 -0.39 29.28
N LEU B 223 -2.32 -1.27 29.51
CA LEU B 223 -3.66 -1.04 28.99
C LEU B 223 -4.22 0.31 29.45
N GLU B 224 -4.12 0.60 30.74
CA GLU B 224 -4.70 1.85 31.21
C GLU B 224 -3.96 3.06 30.66
N ARG B 225 -2.63 2.98 30.53
CA ARG B 225 -1.91 4.10 29.93
C ARG B 225 -2.16 4.19 28.44
N HIS B 226 -2.30 3.05 27.76
CA HIS B 226 -2.66 3.05 26.34
C HIS B 226 -4.02 3.70 26.12
N LEU B 227 -5.00 3.42 27.00
CA LEU B 227 -6.31 4.05 26.86
C LEU B 227 -6.23 5.54 27.17
N GLU B 228 -5.47 5.91 28.20
CA GLU B 228 -5.37 7.32 28.55
C GLU B 228 -4.71 8.13 27.42
N ARG B 229 -3.62 7.62 26.84
CA ARG B 229 -2.96 8.35 25.76
C ARG B 229 -3.89 8.54 24.57
N LYS B 230 -4.66 7.50 24.22
CA LYS B 230 -5.50 7.57 23.02
C LYS B 230 -6.68 8.50 23.20
N ALA B 231 -7.14 8.69 24.44
CA ALA B 231 -8.17 9.67 24.71
C ALA B 231 -7.68 11.07 24.39
N TRP B 232 -6.47 11.42 24.86
CA TRP B 232 -5.93 12.76 24.60
C TRP B 232 -5.80 13.01 23.11
N VAL B 233 -5.43 11.98 22.35
CA VAL B 233 -5.31 12.13 20.90
C VAL B 233 -6.68 12.36 20.27
N ALA B 234 -7.69 11.62 20.74
CA ALA B 234 -9.10 11.83 20.35
C ALA B 234 -9.30 11.75 18.84
N ASN B 242 5.13 8.52 11.45
CA ASN B 242 6.03 9.13 12.42
C ASN B 242 7.26 8.27 12.65
N ALA B 243 8.41 8.92 12.83
CA ALA B 243 9.65 8.21 13.11
C ALA B 243 9.78 7.78 14.56
N ASN B 244 8.94 8.27 15.45
CA ASN B 244 8.91 7.77 16.82
C ASN B 244 7.97 6.58 16.99
N SER B 245 7.08 6.35 16.02
CA SER B 245 6.23 5.16 16.06
C SER B 245 6.96 3.92 15.57
N LEU B 246 8.04 4.10 14.82
CA LEU B 246 8.92 2.98 14.52
C LEU B 246 9.55 2.38 15.78
N LEU B 247 9.66 3.17 16.84
CA LEU B 247 10.26 2.72 18.10
C LEU B 247 9.21 2.04 18.96
N ALA B 248 9.67 1.14 19.83
CA ALA B 248 8.76 0.41 20.71
C ALA B 248 8.03 1.36 21.64
N SER B 249 6.71 1.21 21.72
CA SER B 249 5.95 2.13 22.55
C SER B 249 5.75 1.56 23.96
N PRO B 250 5.83 2.40 24.99
CA PRO B 250 5.55 1.90 26.35
C PRO B 250 4.09 1.59 26.59
N THR B 251 3.21 1.88 25.62
CA THR B 251 1.80 1.52 25.71
C THR B 251 1.41 0.45 24.70
N GLY B 252 2.38 -0.14 24.00
CA GLY B 252 2.05 -1.16 23.02
C GLY B 252 1.58 -2.44 23.70
N LEU B 253 0.55 -3.05 23.12
CA LEU B 253 -0.07 -4.23 23.72
C LEU B 253 0.11 -5.52 22.93
N SER B 254 0.65 -5.48 21.71
CA SER B 254 0.56 -6.66 20.87
C SER B 254 1.22 -7.92 21.45
N PRO B 255 2.43 -7.89 22.02
CA PRO B 255 2.98 -9.16 22.55
C PRO B 255 2.12 -9.75 23.66
N TYR B 256 1.45 -8.91 24.45
CA TYR B 256 0.62 -9.40 25.53
C TYR B 256 -0.65 -10.05 25.00
N LEU B 257 -1.12 -9.60 23.83
CA LEU B 257 -2.25 -10.27 23.20
C LEU B 257 -1.86 -11.65 22.70
N ARG B 258 -0.62 -11.80 22.20
CA ARG B 258 -0.21 -13.10 21.67
C ARG B 258 -0.09 -14.12 22.79
N PHE B 259 0.49 -13.75 23.93
CA PHE B 259 0.67 -14.70 24.99
C PHE B 259 -0.56 -14.83 25.89
N GLY B 260 -1.56 -13.96 25.73
CA GLY B 260 -2.73 -14.00 26.60
C GLY B 260 -2.54 -13.37 27.97
N CYS B 261 -1.50 -12.55 28.15
CA CYS B 261 -1.41 -11.74 29.38
C CYS B 261 -2.44 -10.65 29.39
N LEU B 262 -2.95 -10.26 28.23
CA LEU B 262 -4.04 -9.30 28.11
C LEU B 262 -5.16 -9.98 27.32
N SER B 263 -6.36 -9.98 27.89
CA SER B 263 -7.53 -10.51 27.16
C SER B 263 -7.84 -9.65 25.94
N CYS B 264 -7.99 -10.30 24.78
CA CYS B 264 -8.43 -9.55 23.60
C CYS B 264 -9.88 -9.07 23.72
N ARG B 265 -10.71 -9.76 24.52
CA ARG B 265 -12.09 -9.33 24.65
C ARG B 265 -12.20 -8.12 25.59
N LEU B 266 -11.35 -8.07 26.62
CA LEU B 266 -11.31 -6.89 27.48
C LEU B 266 -10.79 -5.68 26.72
N PHE B 267 -9.75 -5.88 25.92
CA PHE B 267 -9.22 -4.81 25.06
C PHE B 267 -10.31 -4.28 24.12
N TYR B 268 -11.03 -5.20 23.44
CA TYR B 268 -12.12 -4.80 22.55
C TYR B 268 -13.15 -3.96 23.29
N PHE B 269 -13.60 -4.44 24.46
CA PHE B 269 -14.59 -3.70 25.23
C PHE B 269 -14.07 -2.33 25.66
N LYS B 270 -12.82 -2.27 26.13
CA LYS B 270 -12.28 -1.01 26.62
C LYS B 270 -12.10 -0.01 25.49
N LEU B 271 -11.76 -0.47 24.29
CA LEU B 271 -11.64 0.42 23.14
C LEU B 271 -13.00 0.97 22.74
N THR B 272 -14.01 0.10 22.66
CA THR B 272 -15.36 0.56 22.31
C THR B 272 -15.88 1.57 23.32
N ASP B 273 -15.68 1.28 24.60
CA ASP B 273 -16.14 2.21 25.63
C ASP B 273 -15.41 3.54 25.54
N LEU B 274 -14.10 3.49 25.25
CA LEU B 274 -13.34 4.71 25.04
C LEU B 274 -13.89 5.50 23.85
N TYR B 275 -14.15 4.82 22.73
CA TYR B 275 -14.67 5.51 21.57
C TYR B 275 -16.00 6.18 21.90
N LYS B 276 -16.91 5.47 22.58
CA LYS B 276 -18.18 6.06 22.96
C LYS B 276 -17.99 7.29 23.83
N LYS B 277 -17.02 7.25 24.75
CA LYS B 277 -16.89 8.37 25.68
C LYS B 277 -16.26 9.58 25.02
N VAL B 278 -15.35 9.36 24.06
CA VAL B 278 -14.62 10.46 23.46
C VAL B 278 -15.42 11.09 22.34
N LYS B 279 -15.98 10.27 21.46
CA LYS B 279 -16.66 10.75 20.27
C LYS B 279 -18.17 10.81 20.44
N LYS B 280 -18.71 10.30 21.55
CA LYS B 280 -20.14 10.36 21.84
C LYS B 280 -20.96 9.75 20.70
N ASN B 281 -20.53 8.58 20.27
CA ASN B 281 -21.11 7.86 19.16
C ASN B 281 -21.01 6.37 19.48
N SER B 282 -22.05 5.61 19.15
CA SER B 282 -22.12 4.20 19.53
C SER B 282 -21.74 3.24 18.41
N SER B 283 -21.39 3.74 17.22
CA SER B 283 -21.11 2.90 16.06
C SER B 283 -19.73 3.25 15.52
N PRO B 284 -18.69 2.69 16.13
CA PRO B 284 -17.31 3.06 15.76
C PRO B 284 -16.90 2.48 14.41
N PRO B 285 -15.88 3.04 13.78
CA PRO B 285 -15.34 2.44 12.56
C PRO B 285 -14.40 1.28 12.90
N LEU B 286 -14.10 0.49 11.87
CA LEU B 286 -13.19 -0.64 12.05
C LEU B 286 -11.79 -0.19 12.44
N SER B 287 -11.34 0.96 11.94
CA SER B 287 -10.02 1.47 12.31
C SER B 287 -9.81 1.49 13.82
N LEU B 288 -10.89 1.64 14.60
CA LEU B 288 -10.75 1.64 16.05
C LEU B 288 -10.06 0.37 16.54
N TYR B 289 -10.45 -0.78 15.99
CA TYR B 289 -10.02 -2.08 16.51
C TYR B 289 -8.67 -2.50 15.97
N GLY B 290 -8.06 -1.69 15.11
CA GLY B 290 -6.67 -1.92 14.71
C GLY B 290 -6.53 -3.22 13.95
N GLN B 291 -5.77 -4.15 14.53
CA GLN B 291 -5.51 -5.44 13.90
C GLN B 291 -6.21 -6.60 14.61
N LEU B 292 -7.20 -6.32 15.46
CA LEU B 292 -7.88 -7.39 16.19
C LEU B 292 -8.64 -8.31 15.25
N LEU B 293 -9.28 -7.76 14.23
CA LEU B 293 -10.07 -8.58 13.32
C LEU B 293 -9.20 -9.35 12.33
N TRP B 294 -8.04 -8.81 11.97
CA TRP B 294 -7.10 -9.55 11.14
C TRP B 294 -6.50 -10.73 11.92
N ARG B 295 -6.26 -10.53 13.21
CA ARG B 295 -5.83 -11.61 14.09
C ARG B 295 -6.88 -12.72 14.10
N GLU B 296 -8.14 -12.35 14.33
CA GLU B 296 -9.24 -13.30 14.32
C GLU B 296 -9.38 -13.98 12.96
N PHE B 297 -9.08 -13.28 11.89
CA PHE B 297 -9.25 -13.85 10.57
C PHE B 297 -8.23 -14.97 10.30
N PHE B 298 -6.97 -14.73 10.63
CA PHE B 298 -5.93 -15.74 10.38
C PHE B 298 -6.12 -16.96 11.25
N TYR B 299 -6.56 -16.79 12.50
CA TYR B 299 -6.89 -17.95 13.31
C TYR B 299 -8.01 -18.77 12.67
N THR B 300 -9.00 -18.10 12.09
CA THR B 300 -10.11 -18.83 11.46
C THR B 300 -9.66 -19.54 10.19
N ALA B 301 -8.82 -18.88 9.37
CA ALA B 301 -8.35 -19.51 8.15
C ALA B 301 -7.44 -20.70 8.42
N ALA B 302 -6.78 -20.74 9.57
CA ALA B 302 -5.81 -21.80 9.82
C ALA B 302 -6.38 -23.02 10.51
N THR B 303 -7.46 -22.89 11.31
CA THR B 303 -7.85 -23.96 12.24
C THR B 303 -7.90 -25.33 11.58
N ASN B 304 -8.45 -25.39 10.37
CA ASN B 304 -8.70 -26.65 9.68
C ASN B 304 -7.64 -26.99 8.64
N ASN B 305 -6.52 -26.27 8.62
CA ASN B 305 -5.51 -26.45 7.58
C ASN B 305 -4.15 -26.71 8.24
N PRO B 306 -3.81 -27.98 8.49
CA PRO B 306 -2.54 -28.27 9.17
C PRO B 306 -1.30 -27.90 8.36
N ARG B 307 -1.42 -27.68 7.05
CA ARG B 307 -0.29 -27.23 6.23
C ARG B 307 -0.45 -25.76 5.82
N PHE B 308 -1.14 -24.99 6.66
CA PHE B 308 -1.25 -23.55 6.47
C PHE B 308 0.11 -22.88 6.37
N ASP B 309 1.13 -23.45 6.99
CA ASP B 309 2.47 -22.87 6.98
C ASP B 309 3.33 -23.37 5.82
N LYS B 310 2.75 -24.10 4.87
CA LYS B 310 3.49 -24.63 3.73
C LYS B 310 2.90 -24.08 2.45
N MET B 311 3.73 -23.98 1.41
CA MET B 311 3.22 -23.67 0.08
C MET B 311 2.72 -24.93 -0.62
N GLU B 312 3.60 -25.92 -0.82
CA GLU B 312 3.22 -27.10 -1.59
C GLU B 312 2.22 -27.94 -0.80
N GLY B 313 1.14 -28.35 -1.47
CA GLY B 313 0.05 -29.09 -0.85
C GLY B 313 -0.92 -28.27 -0.03
N ASN B 314 -0.74 -26.95 0.06
CA ASN B 314 -1.67 -26.11 0.80
C ASN B 314 -2.77 -25.62 -0.15
N PRO B 315 -4.04 -25.90 0.13
CA PRO B 315 -5.08 -25.64 -0.88
C PRO B 315 -5.32 -24.17 -1.18
N ILE B 316 -5.01 -23.24 -0.27
CA ILE B 316 -5.36 -21.84 -0.48
C ILE B 316 -4.12 -21.01 -0.85
N CYS B 317 -3.00 -21.64 -1.14
CA CYS B 317 -1.73 -20.95 -1.41
C CYS B 317 -1.34 -21.12 -2.87
N VAL B 318 -1.27 -19.99 -3.59
CA VAL B 318 -0.77 -20.00 -4.96
C VAL B 318 0.61 -20.64 -4.98
N GLN B 319 0.86 -21.48 -5.98
CA GLN B 319 2.14 -22.17 -6.11
C GLN B 319 3.09 -21.31 -6.93
N ILE B 320 4.19 -20.91 -6.31
CA ILE B 320 5.12 -19.94 -6.90
C ILE B 320 6.54 -20.52 -6.86
N PRO B 321 7.29 -20.47 -7.96
CA PRO B 321 8.66 -21.03 -7.94
C PRO B 321 9.69 -20.07 -7.34
N TRP B 322 9.69 -19.98 -6.02
CA TRP B 322 10.68 -19.17 -5.33
C TRP B 322 12.07 -19.78 -5.47
N ASP B 323 13.09 -18.92 -5.47
CA ASP B 323 14.46 -19.40 -5.54
C ASP B 323 14.91 -19.95 -4.18
N LYS B 324 15.78 -20.95 -4.24
CA LYS B 324 16.49 -21.45 -3.07
C LYS B 324 17.84 -20.74 -2.99
N ASN B 325 17.99 -19.83 -2.02
CA ASN B 325 19.19 -19.01 -1.90
C ASN B 325 19.46 -18.76 -0.43
N PRO B 326 20.09 -19.71 0.26
CA PRO B 326 20.31 -19.55 1.71
C PRO B 326 21.31 -18.45 2.04
N GLU B 327 22.23 -18.16 1.13
CA GLU B 327 23.18 -17.06 1.33
C GLU B 327 22.46 -15.72 1.37
N ALA B 328 21.50 -15.51 0.47
CA ALA B 328 20.74 -14.27 0.46
C ALA B 328 19.76 -14.22 1.63
N LEU B 329 19.20 -15.37 2.00
CA LEU B 329 18.29 -15.44 3.13
C LEU B 329 18.99 -15.02 4.42
N ALA B 330 20.23 -15.47 4.61
CA ALA B 330 20.95 -15.21 5.85
C ALA B 330 21.22 -13.72 6.01
N LYS B 331 21.68 -13.07 4.94
CA LYS B 331 21.89 -11.62 4.94
C LYS B 331 20.61 -10.87 5.25
N TRP B 332 19.47 -11.36 4.76
CA TRP B 332 18.20 -10.75 5.12
C TRP B 332 17.88 -11.00 6.58
N ALA B 333 18.06 -12.25 7.04
CA ALA B 333 17.74 -12.58 8.42
C ALA B 333 18.67 -11.88 9.40
N GLU B 334 19.91 -11.63 9.02
CA GLU B 334 20.90 -11.05 9.91
C GLU B 334 21.05 -9.55 9.73
N GLY B 335 20.24 -8.94 8.87
CA GLY B 335 20.32 -7.50 8.72
C GLY B 335 21.60 -7.02 8.06
N ARG B 336 22.08 -7.75 7.06
CA ARG B 336 23.28 -7.42 6.30
C ARG B 336 22.97 -7.40 4.81
N THR B 337 21.92 -6.66 4.44
CA THR B 337 21.52 -6.57 3.04
C THR B 337 22.16 -5.40 2.29
N GLY B 338 22.73 -4.43 3.01
CA GLY B 338 23.22 -3.22 2.38
C GLY B 338 22.20 -2.11 2.26
N PHE B 339 20.93 -2.40 2.51
CA PHE B 339 19.88 -1.37 2.53
C PHE B 339 19.63 -0.98 3.97
N PRO B 340 20.09 0.19 4.43
CA PRO B 340 19.96 0.52 5.86
C PRO B 340 18.55 0.42 6.40
N TRP B 341 17.55 0.77 5.60
CA TRP B 341 16.15 0.64 6.01
C TRP B 341 15.82 -0.80 6.37
N ILE B 342 16.10 -1.72 5.45
CA ILE B 342 15.83 -3.14 5.71
C ILE B 342 16.67 -3.66 6.87
N ASP B 343 17.95 -3.26 6.92
CA ASP B 343 18.85 -3.78 7.95
C ASP B 343 18.47 -3.25 9.33
N ALA B 344 18.06 -1.98 9.41
CA ALA B 344 17.65 -1.41 10.69
C ALA B 344 16.43 -2.14 11.25
N ILE B 345 15.50 -2.51 10.38
CA ILE B 345 14.30 -3.21 10.82
C ILE B 345 14.66 -4.59 11.36
N MET B 346 15.44 -5.35 10.60
CA MET B 346 15.82 -6.68 11.07
C MET B 346 16.64 -6.62 12.34
N THR B 347 17.46 -5.59 12.52
CA THR B 347 18.24 -5.46 13.75
C THR B 347 17.32 -5.17 14.94
N GLN B 348 16.37 -4.24 14.77
CA GLN B 348 15.41 -3.97 15.84
C GLN B 348 14.59 -5.22 16.17
N LEU B 349 14.20 -5.98 15.14
CA LEU B 349 13.49 -7.22 15.37
C LEU B 349 14.35 -8.19 16.18
N ARG B 350 15.59 -8.39 15.74
CA ARG B 350 16.48 -9.31 16.42
C ARG B 350 16.74 -8.86 17.86
N GLN B 351 16.91 -7.56 18.08
CA GLN B 351 17.33 -7.11 19.40
C GLN B 351 16.16 -7.07 20.39
N GLU B 352 14.97 -6.69 19.92
CA GLU B 352 13.88 -6.41 20.83
C GLU B 352 12.65 -7.29 20.62
N GLY B 353 12.44 -7.82 19.42
CA GLY B 353 11.31 -8.69 19.19
C GLY B 353 10.03 -8.02 18.76
N TRP B 354 10.06 -6.72 18.48
CA TRP B 354 8.89 -6.08 17.88
C TRP B 354 9.37 -5.09 16.83
N ILE B 355 8.65 -5.03 15.71
CA ILE B 355 8.84 -3.99 14.70
C ILE B 355 7.46 -3.51 14.28
N HIS B 356 7.43 -2.32 13.72
CA HIS B 356 6.18 -1.71 13.28
C HIS B 356 5.54 -2.53 12.15
N HIS B 357 4.21 -2.52 12.11
CA HIS B 357 3.48 -3.29 11.09
C HIS B 357 3.91 -2.90 9.69
N LEU B 358 4.06 -1.59 9.42
CA LEU B 358 4.53 -1.18 8.11
C LEU B 358 5.94 -1.71 7.83
N ALA B 359 6.79 -1.77 8.87
CA ALA B 359 8.13 -2.33 8.72
C ALA B 359 8.09 -3.81 8.39
N ARG B 360 7.09 -4.52 8.90
CA ARG B 360 6.93 -5.94 8.57
C ARG B 360 6.61 -6.12 7.10
N HIS B 361 5.72 -5.26 6.56
CA HIS B 361 5.41 -5.29 5.13
C HIS B 361 6.66 -5.03 4.29
N ALA B 362 7.48 -4.08 4.71
CA ALA B 362 8.67 -3.71 3.93
C ALA B 362 9.65 -4.87 3.82
N VAL B 363 9.99 -5.51 4.94
CA VAL B 363 11.03 -6.53 4.85
C VAL B 363 10.47 -7.83 4.28
N ALA B 364 9.15 -8.01 4.34
CA ALA B 364 8.51 -9.19 3.74
C ALA B 364 8.43 -9.07 2.22
N CYS B 365 7.98 -7.92 1.73
CA CYS B 365 8.02 -7.66 0.29
C CYS B 365 9.45 -7.74 -0.24
N PHE B 366 10.41 -7.17 0.49
CA PHE B 366 11.80 -7.26 0.11
C PHE B 366 12.26 -8.70 -0.05
N LEU B 367 11.83 -9.57 0.87
CA LEU B 367 12.34 -10.94 0.83
C LEU B 367 11.64 -11.76 -0.26
N THR B 368 10.35 -11.51 -0.48
CA THR B 368 9.58 -12.40 -1.34
C THR B 368 9.35 -11.80 -2.73
N ARG B 369 8.21 -11.14 -2.93
CA ARG B 369 7.83 -10.70 -4.27
C ARG B 369 8.63 -9.50 -4.75
N GLY B 370 9.24 -8.73 -3.85
CA GLY B 370 9.93 -7.52 -4.25
C GLY B 370 11.32 -7.75 -4.83
N ASP B 371 12.24 -8.23 -4.01
CA ASP B 371 13.65 -8.25 -4.40
C ASP B 371 14.23 -9.66 -4.49
N LEU B 372 14.13 -10.46 -3.42
CA LEU B 372 14.95 -11.66 -3.34
C LEU B 372 14.30 -12.90 -3.93
N TRP B 373 12.98 -12.89 -4.12
CA TRP B 373 12.25 -14.03 -4.69
C TRP B 373 12.50 -15.29 -3.88
N ILE B 374 12.54 -15.12 -2.56
CA ILE B 374 12.72 -16.23 -1.63
C ILE B 374 11.38 -16.48 -0.95
N SER B 375 11.12 -17.75 -0.67
CA SER B 375 9.79 -18.20 -0.27
C SER B 375 9.35 -17.52 1.02
N TRP B 376 8.05 -17.19 1.07
CA TRP B 376 7.48 -16.65 2.29
C TRP B 376 7.66 -17.59 3.47
N GLU B 377 7.83 -18.88 3.20
CA GLU B 377 7.98 -19.85 4.28
C GLU B 377 9.25 -19.56 5.09
N GLU B 378 10.31 -19.14 4.40
CA GLU B 378 11.56 -18.86 5.08
C GLU B 378 11.48 -17.58 5.92
N GLY B 379 10.75 -16.58 5.44
CA GLY B 379 10.56 -15.38 6.25
C GLY B 379 9.73 -15.67 7.49
N MET B 380 8.67 -16.45 7.31
CA MET B 380 7.87 -16.91 8.44
C MET B 380 8.74 -17.56 9.52
N LYS B 381 9.69 -18.42 9.13
CA LYS B 381 10.50 -19.12 10.11
C LYS B 381 11.37 -18.17 10.92
N VAL B 382 11.94 -17.16 10.26
CA VAL B 382 12.71 -16.14 10.96
C VAL B 382 11.82 -15.32 11.89
N PHE B 383 10.60 -14.97 11.45
CA PHE B 383 9.70 -14.22 12.32
C PHE B 383 9.21 -15.08 13.48
N GLU B 384 8.88 -16.34 13.21
CA GLU B 384 8.59 -17.33 14.24
C GLU B 384 9.64 -17.31 15.33
N GLU B 385 10.91 -17.25 14.94
CA GLU B 385 11.96 -17.25 15.93
C GLU B 385 12.07 -15.92 16.68
N LEU B 386 11.77 -14.79 16.03
CA LEU B 386 12.16 -13.50 16.60
C LEU B 386 11.01 -12.62 17.06
N LEU B 387 9.80 -12.80 16.52
CA LEU B 387 8.68 -11.89 16.75
C LEU B 387 7.89 -12.28 17.98
N LEU B 388 7.68 -11.32 18.89
CA LEU B 388 6.96 -11.62 20.11
C LEU B 388 5.45 -11.73 19.91
N ASP B 389 4.87 -11.02 18.94
CA ASP B 389 3.42 -10.79 18.97
C ASP B 389 2.66 -11.51 17.87
N ALA B 390 3.26 -12.52 17.24
CA ALA B 390 2.63 -13.23 16.14
C ALA B 390 2.95 -14.71 16.32
N ASP B 391 1.92 -15.54 16.45
CA ASP B 391 2.10 -16.97 16.52
C ASP B 391 1.79 -17.61 15.17
N TRP B 392 1.68 -18.92 15.16
CA TRP B 392 1.79 -19.70 13.92
C TRP B 392 0.74 -19.30 12.90
N SER B 393 -0.54 -19.23 13.32
CA SER B 393 -1.61 -18.92 12.37
C SER B 393 -1.40 -17.56 11.73
N ILE B 394 -1.12 -16.54 12.54
CA ILE B 394 -1.07 -15.18 12.01
C ILE B 394 0.21 -14.96 11.22
N ASN B 395 1.28 -15.63 11.63
CA ASN B 395 2.54 -15.52 10.92
C ASN B 395 2.47 -16.22 9.56
N ALA B 396 1.92 -17.43 9.52
CA ALA B 396 1.74 -18.08 8.23
C ALA B 396 0.79 -17.28 7.35
N GLY B 397 -0.33 -16.82 7.91
CA GLY B 397 -1.28 -16.05 7.13
C GLY B 397 -0.71 -14.76 6.56
N SER B 398 0.05 -14.02 7.38
CA SER B 398 0.55 -12.72 6.94
C SER B 398 1.60 -12.86 5.86
N TRP B 399 2.53 -13.81 6.02
CA TRP B 399 3.54 -14.02 5.00
C TRP B 399 2.93 -14.52 3.70
N MET B 400 1.92 -15.38 3.76
CA MET B 400 1.22 -15.79 2.55
C MET B 400 0.58 -14.58 1.87
N TRP B 401 -0.20 -13.82 2.62
CA TRP B 401 -0.93 -12.69 2.05
C TRP B 401 0.01 -11.65 1.47
N LEU B 402 1.10 -11.34 2.17
CA LEU B 402 1.97 -10.25 1.76
C LEU B 402 2.96 -10.66 0.67
N SER B 403 3.13 -11.95 0.39
CA SER B 403 3.90 -12.36 -0.77
C SER B 403 3.03 -12.59 -2.01
N CYS B 404 1.80 -12.09 -2.02
CA CYS B 404 0.85 -12.35 -3.10
C CYS B 404 0.68 -13.86 -3.34
N SER B 405 0.71 -14.66 -2.26
CA SER B 405 0.43 -16.09 -2.40
C SER B 405 -0.98 -16.45 -1.98
N SER B 406 -1.83 -15.46 -1.72
CA SER B 406 -3.26 -15.67 -1.56
C SER B 406 -3.96 -15.26 -2.85
N PHE B 407 -4.86 -16.13 -3.33
CA PHE B 407 -5.44 -15.93 -4.66
C PHE B 407 -6.22 -14.64 -4.76
N PHE B 408 -6.85 -14.20 -3.67
CA PHE B 408 -7.78 -13.07 -3.72
C PHE B 408 -7.19 -11.78 -3.17
N GLN B 409 -5.87 -11.71 -2.99
CA GLN B 409 -5.22 -10.47 -2.54
C GLN B 409 -4.01 -10.27 -3.43
N GLN B 410 -4.23 -9.67 -4.59
CA GLN B 410 -3.16 -9.25 -5.47
C GLN B 410 -2.79 -7.82 -5.12
N PHE B 411 -1.54 -7.59 -4.80
CA PHE B 411 -1.07 -6.25 -4.47
C PHE B 411 -0.53 -5.57 -5.72
N PHE B 412 -0.98 -4.36 -5.97
CA PHE B 412 -0.48 -3.56 -7.09
C PHE B 412 0.76 -2.77 -6.72
N HIS B 413 1.11 -2.70 -5.44
CA HIS B 413 2.19 -1.87 -4.93
C HIS B 413 3.39 -2.71 -4.50
N CYS B 414 4.59 -2.21 -4.76
CA CYS B 414 5.83 -2.88 -4.38
C CYS B 414 6.71 -1.87 -3.64
N TYR B 415 7.08 -2.20 -2.40
CA TYR B 415 7.80 -1.26 -1.55
C TYR B 415 9.18 -0.92 -2.12
N CYS B 416 9.65 0.29 -1.81
CA CYS B 416 11.00 0.70 -2.18
C CYS B 416 11.91 0.61 -0.96
N PRO B 417 12.96 -0.22 -1.00
CA PRO B 417 13.84 -0.37 0.18
C PRO B 417 14.58 0.90 0.57
N VAL B 418 14.81 1.82 -0.36
CA VAL B 418 15.37 3.11 0.02
C VAL B 418 14.27 4.13 0.27
N GLY B 419 13.28 4.17 -0.63
CA GLY B 419 12.32 5.27 -0.62
C GLY B 419 11.37 5.22 0.57
N PHE B 420 10.88 4.02 0.89
CA PHE B 420 9.91 3.87 1.99
C PHE B 420 10.48 4.36 3.30
N GLY B 421 11.78 4.14 3.53
CA GLY B 421 12.39 4.64 4.76
C GLY B 421 12.47 6.15 4.80
N ARG B 422 12.76 6.78 3.66
CA ARG B 422 12.91 8.23 3.64
C ARG B 422 11.61 8.94 4.00
N ARG B 423 10.48 8.45 3.46
CA ARG B 423 9.19 9.05 3.78
C ARG B 423 8.86 8.92 5.26
N THR B 424 9.33 7.83 5.90
CA THR B 424 8.93 7.54 7.27
C THR B 424 9.79 8.27 8.29
N ASP B 425 11.11 8.21 8.11
CA ASP B 425 12.06 8.95 8.95
C ASP B 425 12.95 9.74 8.00
N PRO B 426 12.59 10.99 7.70
CA PRO B 426 13.41 11.81 6.79
C PRO B 426 14.81 12.00 7.35
N ASN B 427 14.89 12.50 8.58
CA ASN B 427 16.10 12.35 9.36
C ASN B 427 16.24 10.89 9.74
N GLY B 428 17.35 10.26 9.36
CA GLY B 428 17.48 8.85 9.61
C GLY B 428 17.76 8.52 11.07
N ASP B 429 16.95 9.05 11.98
CA ASP B 429 17.15 8.77 13.41
C ASP B 429 17.03 7.28 13.68
N TYR B 430 16.03 6.63 13.06
CA TYR B 430 15.82 5.21 13.26
C TYR B 430 17.04 4.41 12.80
N ILE B 431 17.62 4.81 11.67
CA ILE B 431 18.80 4.13 11.14
C ILE B 431 20.04 4.46 11.96
N ARG B 432 20.13 5.69 12.49
CA ARG B 432 21.26 6.00 13.34
C ARG B 432 21.19 5.24 14.66
N ARG B 433 20.00 4.92 15.13
CA ARG B 433 19.88 4.19 16.39
C ARG B 433 20.29 2.72 16.24
N TYR B 434 19.69 2.00 15.28
CA TYR B 434 19.93 0.57 15.16
C TYR B 434 21.14 0.23 14.32
N LEU B 435 21.69 1.19 13.58
CA LEU B 435 22.94 0.99 12.85
C LEU B 435 23.85 2.18 13.12
N PRO B 436 24.47 2.21 14.31
CA PRO B 436 25.29 3.38 14.68
C PRO B 436 26.53 3.58 13.83
N VAL B 437 26.97 2.57 13.07
CA VAL B 437 28.13 2.74 12.20
C VAL B 437 27.87 3.78 11.11
N LEU B 438 26.60 4.00 10.75
CA LEU B 438 26.22 5.02 9.79
C LEU B 438 25.83 6.34 10.44
N ARG B 439 26.03 6.47 11.76
CA ARG B 439 25.68 7.71 12.44
C ARG B 439 26.37 8.92 11.83
N GLY B 440 27.51 8.74 11.16
CA GLY B 440 28.17 9.87 10.53
C GLY B 440 27.47 10.33 9.26
N PHE B 441 27.00 9.38 8.45
CA PHE B 441 26.40 9.71 7.16
C PHE B 441 25.25 10.70 7.35
N PRO B 442 25.10 11.68 6.46
CA PRO B 442 24.01 12.66 6.57
C PRO B 442 22.71 12.15 5.96
N ALA B 443 21.65 12.92 6.19
CA ALA B 443 20.31 12.46 5.82
C ALA B 443 20.16 12.20 4.32
N LYS B 444 20.96 12.88 3.49
CA LYS B 444 20.86 12.69 2.05
C LYS B 444 21.44 11.35 1.61
N TYR B 445 22.30 10.74 2.43
CA TYR B 445 22.95 9.49 2.07
C TYR B 445 22.61 8.33 3.00
N ILE B 446 21.89 8.58 4.10
CA ILE B 446 21.75 7.56 5.13
C ILE B 446 20.94 6.35 4.64
N TYR B 447 19.97 6.57 3.74
CA TYR B 447 19.17 5.46 3.23
C TYR B 447 19.78 4.79 2.00
N ASP B 448 20.70 5.45 1.30
CA ASP B 448 21.44 4.84 0.21
C ASP B 448 22.91 5.22 0.37
N PRO B 449 23.63 4.53 1.26
CA PRO B 449 25.02 4.91 1.51
C PRO B 449 25.94 4.66 0.33
N TRP B 450 25.58 3.76 -0.59
CA TRP B 450 26.44 3.49 -1.73
C TRP B 450 26.61 4.73 -2.61
N ASN B 451 25.58 5.57 -2.71
CA ASN B 451 25.63 6.78 -3.53
C ASN B 451 26.19 7.98 -2.78
N ALA B 452 26.90 7.74 -1.68
CA ALA B 452 27.56 8.88 -1.08
C ALA B 452 29.01 8.95 -1.56
N PRO B 453 29.51 10.16 -1.84
CA PRO B 453 30.90 10.30 -2.26
C PRO B 453 31.87 9.86 -1.17
N GLU B 454 33.05 9.40 -1.62
CA GLU B 454 34.04 8.84 -0.69
C GLU B 454 34.49 9.86 0.35
N GLY B 455 34.42 11.16 0.02
CA GLY B 455 34.72 12.17 1.00
C GLY B 455 33.72 12.17 2.15
N ILE B 456 32.43 12.21 1.80
CA ILE B 456 31.38 12.17 2.83
C ILE B 456 31.41 10.83 3.57
N GLN B 457 31.74 9.76 2.85
CA GLN B 457 31.93 8.46 3.48
C GLN B 457 33.04 8.51 4.53
N LYS B 458 34.21 9.01 4.13
CA LYS B 458 35.36 9.05 5.03
C LYS B 458 35.12 10.02 6.19
N VAL B 459 34.53 11.18 5.91
CA VAL B 459 34.17 12.11 6.98
C VAL B 459 33.23 11.41 7.97
N ALA B 460 32.30 10.60 7.46
CA ALA B 460 31.39 9.86 8.32
C ALA B 460 32.10 8.76 9.11
N LYS B 461 33.34 8.41 8.72
CA LYS B 461 34.13 7.35 9.34
C LYS B 461 33.50 5.97 9.15
N CYS B 462 32.80 5.79 8.04
CA CYS B 462 32.30 4.48 7.61
C CYS B 462 32.42 4.39 6.10
N LEU B 463 33.10 3.36 5.62
CA LEU B 463 33.34 3.16 4.18
C LEU B 463 32.50 2.00 3.69
N ILE B 464 31.58 2.28 2.75
CA ILE B 464 30.71 1.24 2.22
C ILE B 464 31.55 0.17 1.54
N GLY B 465 31.17 -1.09 1.75
CA GLY B 465 31.97 -2.22 1.35
C GLY B 465 32.94 -2.71 2.41
N VAL B 466 33.32 -1.86 3.36
CA VAL B 466 34.29 -2.23 4.39
C VAL B 466 33.62 -2.16 5.77
N ASN B 467 33.26 -0.94 6.20
CA ASN B 467 32.60 -0.80 7.50
C ASN B 467 31.14 -1.22 7.44
N TYR B 468 30.45 -0.94 6.34
CA TYR B 468 29.08 -1.39 6.13
C TYR B 468 28.93 -1.97 4.74
N PRO B 469 28.09 -3.00 4.57
CA PRO B 469 28.05 -3.72 3.30
C PRO B 469 27.29 -2.98 2.22
N LYS B 470 27.64 -3.30 0.98
CA LYS B 470 27.02 -2.70 -0.18
C LYS B 470 25.67 -3.36 -0.48
N PRO B 471 24.78 -2.66 -1.19
CA PRO B 471 23.49 -3.25 -1.55
C PRO B 471 23.63 -4.64 -2.16
N MET B 472 22.83 -5.59 -1.66
CA MET B 472 22.97 -6.98 -2.08
C MET B 472 22.37 -7.23 -3.45
N VAL B 473 21.41 -6.40 -3.88
CA VAL B 473 20.87 -6.46 -5.24
C VAL B 473 20.69 -5.02 -5.73
N ASN B 474 20.42 -4.90 -7.03
CA ASN B 474 19.94 -3.65 -7.61
C ASN B 474 18.43 -3.72 -7.60
N HIS B 475 17.79 -2.85 -6.83
CA HIS B 475 16.34 -2.95 -6.65
C HIS B 475 15.60 -2.74 -7.96
N ALA B 476 16.01 -1.74 -8.75
CA ALA B 476 15.35 -1.49 -10.02
C ALA B 476 15.40 -2.72 -10.91
N GLU B 477 16.59 -3.32 -11.04
CA GLU B 477 16.71 -4.54 -11.83
C GLU B 477 15.90 -5.67 -11.22
N ALA B 478 16.13 -5.95 -9.93
CA ALA B 478 15.50 -7.12 -9.31
C ALA B 478 13.99 -6.96 -9.25
N SER B 479 13.49 -5.82 -8.78
CA SER B 479 12.04 -5.69 -8.62
C SER B 479 11.32 -5.76 -9.95
N ARG B 480 11.86 -5.15 -11.01
CA ARG B 480 11.20 -5.21 -12.30
C ARG B 480 11.02 -6.66 -12.76
N LEU B 481 12.07 -7.47 -12.61
CA LEU B 481 11.99 -8.87 -13.00
C LEU B 481 10.99 -9.63 -12.14
N ASN B 482 11.01 -9.37 -10.83
CA ASN B 482 10.07 -10.04 -9.95
C ASN B 482 8.64 -9.58 -10.21
N ILE B 483 8.45 -8.31 -10.55
CA ILE B 483 7.13 -7.84 -10.94
C ILE B 483 6.66 -8.57 -12.20
N GLU B 484 7.56 -8.75 -13.17
CA GLU B 484 7.24 -9.53 -14.36
C GLU B 484 6.99 -11.00 -14.04
N ARG B 485 7.78 -11.58 -13.12
CA ARG B 485 7.52 -12.94 -12.66
C ARG B 485 6.12 -13.09 -12.10
N MET B 486 5.72 -12.18 -11.20
CA MET B 486 4.44 -12.32 -10.51
C MET B 486 3.27 -12.20 -11.47
N LYS B 487 3.35 -11.26 -12.42
CA LYS B 487 2.27 -11.08 -13.38
C LYS B 487 2.14 -12.31 -14.27
N GLN B 488 3.26 -12.92 -14.64
CA GLN B 488 3.20 -14.19 -15.36
C GLN B 488 2.46 -15.25 -14.55
N ILE B 489 2.73 -15.30 -13.24
CA ILE B 489 2.16 -16.35 -12.39
C ILE B 489 0.63 -16.30 -12.43
N TYR B 490 0.05 -15.10 -12.33
CA TYR B 490 -1.40 -14.95 -12.38
C TYR B 490 -2.00 -15.67 -13.58
N GLN B 491 -1.41 -15.49 -14.76
CA GLN B 491 -1.80 -16.21 -15.97
C GLN B 491 -3.29 -16.02 -16.30
C14 GOC C . 5.06 25.49 -28.31
C11 GOC C . 5.11 23.56 -30.28
C10 GOC C . 5.09 23.14 -28.93
C12 GOC C . 5.12 24.91 -30.63
C13 GOC C . 5.10 25.89 -29.63
C02 GOC C . 1.27 19.83 -24.44
C03 GOC C . 2.18 20.27 -25.48
C04 GOC C . 1.92 21.35 -26.30
C05 GOC C . 2.84 21.79 -27.26
C06 GOC C . 3.46 19.71 -25.65
C07 GOC C . 4.37 20.15 -26.61
C08 GOC C . 4.10 21.20 -27.46
C09 GOC C . 5.06 21.73 -28.46
C15 GOC C . 5.05 24.15 -27.97
C18 GOC C . 0.65 18.33 -22.63
C19 GOC C . -0.74 18.27 -22.48
C20 GOC C . -1.94 18.55 -23.29
C22 GOC C . -2.43 17.57 -20.80
C23 GOC C . -0.99 17.74 -21.16
C26 GOC C . 2.65 17.79 -21.17
C27 GOC C . 3.60 18.87 -21.31
C28 GOC C . 3.21 20.28 -21.68
C29 GOC C . 4.96 18.65 -21.08
C30 GOC C . 3.20 16.56 -20.83
C31 GOC C . 4.58 16.37 -20.61
C32 GOC C . 5.50 17.43 -20.73
C33 GOC C . 6.99 17.25 -20.48
N17 GOC C . 1.42 18.75 -23.66
N24 GOC C . 0.20 17.53 -20.54
N25 GOC C . 1.20 17.91 -21.45
O01 GOC C . 0.32 20.56 -24.15
O16 GOC C . 5.94 20.96 -28.84
S21 GOC C . -3.32 17.73 -22.41
C14 GOC D . -3.93 -4.47 3.44
C11 GOC D . -4.92 -6.97 2.80
C10 GOC D . -3.79 -6.90 3.63
C12 GOC D . -5.54 -5.82 2.30
C13 GOC D . -5.04 -4.56 2.61
C02 GOC D . -1.52 -8.45 9.88
C03 GOC D . -1.96 -8.36 8.48
C04 GOC D . -3.00 -7.55 8.03
C05 GOC D . -3.36 -7.47 6.69
C06 GOC D . -1.29 -9.05 7.46
C07 GOC D . -1.65 -8.97 6.12
C08 GOC D . -2.70 -8.19 5.68
C09 GOC D . -3.07 -8.05 4.25
C15 GOC D . -3.33 -5.61 3.94
C18 GOC D . -0.07 -9.38 11.63
C19 GOC D . -0.69 -9.31 12.88
C20 GOC D . -2.06 -9.18 13.42
C22 GOC D . -0.08 -9.43 15.29
C23 GOC D . 0.36 -9.45 13.86
C26 GOC D . 2.30 -9.61 10.83
C27 GOC D . 2.48 -8.67 9.77
C28 GOC D . 1.70 -7.37 9.67
C29 GOC D . 3.43 -8.88 8.78
C30 GOC D . 3.10 -10.76 10.75
C31 GOC D . 4.05 -10.94 9.74
C32 GOC D . 4.24 -10.00 8.71
C33 GOC D . 5.27 -10.16 7.60
N17 GOC D . -0.58 -9.29 10.37
N24 GOC D . 1.54 -9.56 13.23
N25 GOC D . 1.29 -9.49 11.86
O01 GOC D . -2.00 -7.63 10.69
O16 GOC D . -2.66 -8.95 3.52
S21 GOC D . -1.91 -9.60 15.19
#